data_5XU0
#
_entry.id   5XU0
#
_cell.length_a   159.210
_cell.length_b   159.210
_cell.length_c   99.400
_cell.angle_alpha   90.00
_cell.angle_beta   90.00
_cell.angle_gamma   90.00
#
_symmetry.space_group_name_H-M   'P 41 21 2'
#
_entity_poly.entity_id   1
_entity_poly.type   'polypeptide(L)'
_entity_poly.pdbx_seq_one_letter_code
;(MSE)SVLLSGTVTAKNEQYVYFDASKGDLDEILVSVGDKVSEGQALVKYSSSEAQAAYDSASRAVARADRHINELNQAR
NEAASAPAPQLPAPVGGEDATVQSPTPVAGNSVASIDAQLGDARDARADAAAQLSKAQSQLDA(MSE)TVLSTLEGTVVE
VNSNVSKSPTGASQV(MSE)VHIVSNENLQVKGELSEYNLANLSVGQEVSFTSKVYPDKKWTGKLSYISDYPKNNGEAAS
PAAGNNTGSKYPYTIDVTGEVGDLKQGFSVN(MSE)EVKSKTKHHHHHH
;
_entity_poly.pdbx_strand_id   A,B,C
#
# COMPACT_ATOMS: atom_id res chain seq x y z
N VAL A 3 5.90 -18.72 -49.08
CA VAL A 3 5.71 -19.05 -47.67
C VAL A 3 4.79 -18.01 -47.01
N LEU A 4 3.84 -18.49 -46.21
CA LEU A 4 2.84 -17.65 -45.57
C LEU A 4 3.12 -17.59 -44.07
N LEU A 5 3.27 -16.38 -43.53
CA LEU A 5 3.50 -16.17 -42.12
C LEU A 5 2.35 -15.40 -41.49
N SER A 6 2.29 -15.46 -40.17
CA SER A 6 1.26 -14.76 -39.40
C SER A 6 1.88 -14.26 -38.11
N GLY A 7 1.84 -12.94 -37.91
CA GLY A 7 2.25 -12.34 -36.66
C GLY A 7 1.10 -11.58 -36.01
N THR A 8 1.46 -10.77 -35.02
CA THR A 8 0.54 -9.80 -34.44
C THR A 8 1.26 -8.47 -34.30
N VAL A 9 0.53 -7.39 -34.54
CA VAL A 9 1.12 -6.06 -34.45
C VAL A 9 1.24 -5.64 -33.00
N THR A 10 2.44 -5.22 -32.61
CA THR A 10 2.75 -4.80 -31.26
C THR A 10 3.24 -3.36 -31.28
N ALA A 11 3.22 -2.73 -30.11
CA ALA A 11 3.87 -1.44 -29.96
C ALA A 11 5.36 -1.64 -29.70
N LYS A 12 6.14 -0.63 -30.05
CA LYS A 12 7.59 -0.72 -29.88
C LYS A 12 8.04 -0.25 -28.51
N ASN A 13 7.41 0.81 -27.97
CA ASN A 13 7.90 1.49 -26.79
C ASN A 13 6.88 1.40 -25.67
N GLU A 14 7.32 0.92 -24.50
CA GLU A 14 6.50 0.86 -23.31
C GLU A 14 7.22 1.54 -22.16
N GLN A 15 6.48 1.77 -21.08
CA GLN A 15 7.04 2.08 -19.78
C GLN A 15 6.08 1.52 -18.72
N TYR A 16 6.62 0.68 -17.85
CA TYR A 16 5.91 0.22 -16.68
C TYR A 16 6.36 1.05 -15.48
N VAL A 17 5.49 1.13 -14.48
CA VAL A 17 5.79 1.84 -13.24
C VAL A 17 5.29 0.95 -12.11
N TYR A 18 6.22 0.38 -11.34
CA TYR A 18 5.87 -0.49 -10.24
C TYR A 18 5.95 0.26 -8.92
N PHE A 19 5.23 -0.25 -7.92
CA PHE A 19 5.31 0.32 -6.59
C PHE A 19 6.69 0.10 -6.00
N ASP A 20 7.30 1.17 -5.52
CA ASP A 20 8.62 1.13 -4.89
C ASP A 20 8.44 1.29 -3.39
N ALA A 21 8.66 0.21 -2.64
CA ALA A 21 8.55 0.28 -1.19
C ALA A 21 9.63 1.17 -0.60
N SER A 22 10.86 1.06 -1.10
CA SER A 22 11.98 1.85 -0.60
C SER A 22 11.76 3.35 -0.77
N LYS A 23 10.75 3.76 -1.54
CA LYS A 23 10.43 5.17 -1.69
C LYS A 23 9.37 5.64 -0.71
N GLY A 24 8.80 4.75 0.09
CA GLY A 24 7.92 5.15 1.18
C GLY A 24 6.45 4.83 0.99
N ASP A 25 5.66 5.86 0.70
CA ASP A 25 4.21 5.73 0.59
C ASP A 25 3.72 6.51 -0.63
N LEU A 26 2.77 5.92 -1.34
CA LEU A 26 2.15 6.58 -2.48
C LEU A 26 1.17 7.65 -2.00
N ASP A 27 1.29 8.85 -2.58
CA ASP A 27 0.28 9.89 -2.38
C ASP A 27 -0.88 9.66 -3.35
N GLU A 28 -0.67 9.95 -4.64
CA GLU A 28 -1.71 9.76 -5.63
C GLU A 28 -1.10 9.48 -7.00
N ILE A 29 -1.72 8.57 -7.74
CA ILE A 29 -1.49 8.44 -9.17
C ILE A 29 -2.33 9.49 -9.88
N LEU A 30 -1.67 10.35 -10.65
CA LEU A 30 -2.30 11.55 -11.20
C LEU A 30 -2.70 11.38 -12.66
N VAL A 31 -2.95 10.14 -13.09
CA VAL A 31 -3.22 9.85 -14.50
C VAL A 31 -4.32 8.80 -14.58
N SER A 32 -5.07 8.84 -15.69
CA SER A 32 -6.24 7.99 -15.88
C SER A 32 -6.10 7.18 -17.16
N VAL A 33 -6.49 5.90 -17.09
CA VAL A 33 -6.33 4.98 -18.21
C VAL A 33 -7.05 5.52 -19.44
N GLY A 34 -6.29 6.08 -20.37
CA GLY A 34 -6.85 6.69 -21.56
C GLY A 34 -6.13 7.97 -21.95
N ASP A 35 -5.50 8.60 -20.96
CA ASP A 35 -4.79 9.85 -21.23
C ASP A 35 -3.59 9.61 -22.14
N LYS A 36 -3.35 10.56 -23.04
CA LYS A 36 -2.10 10.63 -23.79
C LYS A 36 -1.18 11.61 -23.08
N VAL A 37 -0.05 11.10 -22.58
CA VAL A 37 0.81 11.83 -21.66
C VAL A 37 2.02 12.35 -22.40
N SER A 38 2.57 13.47 -21.93
CA SER A 38 3.76 14.03 -22.57
C SER A 38 4.97 13.11 -22.35
N GLU A 39 6.06 13.42 -23.06
CA GLU A 39 7.30 12.69 -22.82
C GLU A 39 7.81 12.89 -21.40
N GLY A 40 7.57 14.06 -20.81
CA GLY A 40 8.05 14.33 -19.48
C GLY A 40 6.95 14.55 -18.45
N GLN A 41 5.72 14.19 -18.80
CA GLN A 41 4.60 14.36 -17.88
C GLN A 41 4.81 13.51 -16.62
N ALA A 42 4.30 14.00 -15.50
CA ALA A 42 4.32 13.23 -14.27
C ALA A 42 3.26 12.12 -14.32
N LEU A 43 3.42 11.14 -13.45
CA LEU A 43 2.49 10.01 -13.40
C LEU A 43 2.12 9.61 -11.98
N VAL A 44 3.13 9.46 -11.13
CA VAL A 44 2.93 9.02 -9.74
C VAL A 44 3.70 9.96 -8.83
N LYS A 45 3.10 10.29 -7.69
CA LYS A 45 3.75 11.09 -6.66
C LYS A 45 3.76 10.30 -5.36
N TYR A 46 4.94 10.00 -4.85
CA TYR A 46 5.06 9.45 -3.51
C TYR A 46 5.01 10.58 -2.49
N SER A 47 4.82 10.21 -1.22
CA SER A 47 4.83 11.20 -0.15
C SER A 47 6.23 11.83 -0.06
N SER A 48 6.30 13.14 -0.25
CA SER A 48 7.56 13.85 -0.39
C SER A 48 7.86 14.77 0.79
N SER A 49 7.29 14.50 1.95
CA SER A 49 7.56 15.36 3.11
C SER A 49 8.86 14.97 3.80
N GLU A 50 9.14 13.68 3.95
CA GLU A 50 10.40 13.25 4.54
C GLU A 50 11.57 13.63 3.65
N ALA A 51 11.38 13.58 2.33
CA ALA A 51 12.43 13.96 1.39
C ALA A 51 12.71 15.46 1.48
N GLN A 52 11.66 16.28 1.52
CA GLN A 52 11.84 17.73 1.63
C GLN A 52 12.47 18.09 2.97
N ALA A 53 12.11 17.37 4.04
CA ALA A 53 12.69 17.64 5.35
C ALA A 53 14.17 17.27 5.37
N ALA A 54 14.52 16.10 4.84
CA ALA A 54 15.92 15.71 4.76
C ALA A 54 16.70 16.71 3.90
N TYR A 55 16.08 17.22 2.84
CA TYR A 55 16.71 18.22 2.01
C TYR A 55 17.02 19.49 2.80
N ASP A 56 15.99 20.05 3.45
CA ASP A 56 16.18 21.25 4.25
C ASP A 56 17.28 21.05 5.29
N SER A 57 17.23 19.92 6.00
CA SER A 57 18.27 19.61 6.96
C SER A 57 19.65 19.59 6.30
N ALA A 58 19.72 19.11 5.05
CA ALA A 58 21.00 19.08 4.35
C ALA A 58 21.52 20.49 4.06
N SER A 59 20.64 21.37 3.58
CA SER A 59 21.09 22.73 3.27
C SER A 59 21.45 23.52 4.53
N ARG A 60 20.75 23.25 5.64
CA ARG A 60 21.16 23.85 6.91
C ARG A 60 22.51 23.30 7.35
N ALA A 61 22.79 22.02 7.08
CA ALA A 61 24.10 21.47 7.38
C ALA A 61 25.19 22.16 6.57
N VAL A 62 24.91 22.42 5.28
CA VAL A 62 25.88 23.13 4.44
C VAL A 62 26.12 24.53 4.98
N ALA A 63 25.05 25.28 5.23
CA ALA A 63 25.19 26.65 5.71
C ALA A 63 25.94 26.70 7.03
N ARG A 64 25.67 25.74 7.93
CA ARG A 64 26.38 25.68 9.20
C ARG A 64 27.85 25.37 8.98
N ALA A 65 28.17 24.53 7.99
CA ALA A 65 29.58 24.30 7.66
C ALA A 65 30.25 25.59 7.21
N ASP A 66 29.57 26.37 6.37
CA ASP A 66 30.18 27.60 5.87
C ASP A 66 30.39 28.61 6.98
N ARG A 67 29.38 28.83 7.83
CA ARG A 67 29.58 29.66 9.00
C ARG A 67 30.79 29.17 9.80
N HIS A 68 30.73 27.91 10.25
CA HIS A 68 31.81 27.32 11.05
C HIS A 68 33.19 27.63 10.48
N ILE A 69 33.38 27.44 9.16
CA ILE A 69 34.68 27.81 8.61
C ILE A 69 34.88 29.32 8.65
N ASN A 70 33.81 30.12 8.73
CA ASN A 70 34.02 31.57 8.81
C ASN A 70 34.49 31.99 10.20
N GLU A 71 33.90 31.44 11.27
CA GLU A 71 34.43 31.76 12.60
C GLU A 71 35.83 31.21 12.77
N LEU A 72 36.10 30.01 12.26
CA LEU A 72 37.47 29.51 12.24
C LEU A 72 38.38 30.46 11.48
N ASN A 73 37.86 31.08 10.43
CA ASN A 73 38.66 31.99 9.61
C ASN A 73 39.05 33.25 10.40
N GLN A 74 38.06 33.90 11.01
CA GLN A 74 38.37 35.05 11.85
C GLN A 74 39.33 34.68 12.97
N ALA A 75 39.07 33.56 13.65
CA ALA A 75 39.94 33.15 14.75
C ALA A 75 41.35 32.93 14.27
N ARG A 76 41.52 32.39 13.06
CA ARG A 76 42.85 32.24 12.48
C ARG A 76 43.51 33.58 12.29
N ASN A 77 42.86 34.48 11.55
CA ASN A 77 43.52 35.74 11.21
C ASN A 77 43.61 36.68 12.40
N GLU A 78 43.01 36.33 13.53
CA GLU A 78 43.29 36.99 14.80
C GLU A 78 44.52 36.39 15.46
N ALA A 79 44.48 35.07 15.72
CA ALA A 79 45.58 34.40 16.40
C ALA A 79 46.89 34.53 15.64
N ALA A 80 46.84 34.76 14.33
CA ALA A 80 48.04 35.00 13.55
C ALA A 80 48.70 36.37 13.80
N SER A 81 48.13 37.39 13.21
CA SER A 81 48.68 38.69 13.42
C SER A 81 48.51 38.99 14.89
N ALA A 82 48.81 37.98 15.70
CA ALA A 82 48.70 38.12 17.13
C ALA A 82 50.02 38.57 17.69
N PRO A 83 49.97 39.46 18.68
CA PRO A 83 51.11 40.06 19.35
C PRO A 83 52.08 39.03 19.89
N ALA A 84 52.97 38.55 19.03
CA ALA A 84 53.97 37.56 19.41
C ALA A 84 55.09 37.55 18.39
N ASN A 107 44.19 27.63 19.92
CA ASN A 107 45.05 28.77 20.22
C ASN A 107 46.07 29.02 19.10
N SER A 108 46.80 27.97 18.73
CA SER A 108 47.79 28.09 17.68
C SER A 108 47.12 28.26 16.32
N VAL A 109 47.81 28.98 15.43
CA VAL A 109 47.31 29.17 14.07
C VAL A 109 47.31 27.85 13.30
N ALA A 110 48.30 26.99 13.55
CA ALA A 110 48.31 25.66 12.96
C ALA A 110 47.28 24.74 13.62
N SER A 111 47.14 24.86 14.95
CA SER A 111 46.20 24.02 15.69
C SER A 111 44.77 24.18 15.17
N ILE A 112 44.44 25.34 14.60
CA ILE A 112 43.14 25.55 14.00
C ILE A 112 43.18 25.54 12.48
N ASP A 113 44.36 25.60 11.87
CA ASP A 113 44.44 25.24 10.46
C ASP A 113 44.05 23.79 10.26
N ALA A 114 44.43 22.93 11.21
CA ALA A 114 43.92 21.56 11.22
C ALA A 114 42.39 21.54 11.21
N GLN A 115 41.78 22.30 12.12
CA GLN A 115 40.32 22.35 12.19
C GLN A 115 39.73 22.90 10.89
N LEU A 116 40.43 23.85 10.25
CA LEU A 116 39.96 24.37 8.98
C LEU A 116 39.91 23.27 7.92
N GLY A 117 40.98 22.48 7.81
CA GLY A 117 40.92 21.33 6.92
C GLY A 117 39.76 20.40 7.23
N ASP A 118 39.68 19.98 8.50
CA ASP A 118 38.61 19.10 8.94
C ASP A 118 37.25 19.82 9.05
N ALA A 119 37.12 21.00 8.45
CA ALA A 119 35.83 21.68 8.37
C ALA A 119 35.46 21.90 6.91
N ARG A 120 36.46 22.15 6.06
CA ARG A 120 36.21 22.14 4.62
C ARG A 120 35.80 20.76 4.16
N ASP A 121 36.37 19.72 4.77
CA ASP A 121 35.95 18.37 4.41
C ASP A 121 34.52 18.10 4.84
N ALA A 122 34.16 18.48 6.08
CA ALA A 122 32.78 18.35 6.51
C ALA A 122 31.84 19.15 5.62
N ARG A 123 32.30 20.30 5.15
CA ARG A 123 31.51 21.10 4.21
C ARG A 123 31.28 20.35 2.90
N ALA A 124 32.33 19.74 2.34
CA ALA A 124 32.14 18.97 1.12
C ALA A 124 31.21 17.78 1.34
N ASP A 125 31.34 17.12 2.49
CA ASP A 125 30.42 16.05 2.87
C ASP A 125 28.97 16.52 2.80
N ALA A 126 28.67 17.60 3.53
CA ALA A 126 27.31 18.11 3.55
C ALA A 126 26.84 18.55 2.17
N ALA A 127 27.76 19.02 1.32
CA ALA A 127 27.38 19.40 -0.03
C ALA A 127 26.92 18.19 -0.84
N ALA A 128 27.76 17.15 -0.90
CA ALA A 128 27.39 15.95 -1.62
C ALA A 128 26.08 15.37 -1.09
N GLN A 129 25.92 15.34 0.24
CA GLN A 129 24.68 14.81 0.79
C GLN A 129 23.50 15.67 0.39
N LEU A 130 23.68 16.99 0.30
CA LEU A 130 22.58 17.84 -0.14
C LEU A 130 22.15 17.48 -1.56
N SER A 131 23.10 17.30 -2.47
CA SER A 131 22.71 16.90 -3.83
C SER A 131 21.99 15.54 -3.80
N LYS A 132 22.50 14.62 -2.99
CA LYS A 132 21.85 13.30 -2.87
C LYS A 132 20.40 13.45 -2.42
N ALA A 133 20.15 14.22 -1.36
CA ALA A 133 18.79 14.43 -0.89
C ALA A 133 17.96 15.17 -1.93
N GLN A 134 18.60 16.00 -2.74
CA GLN A 134 17.90 16.68 -3.83
C GLN A 134 17.30 15.68 -4.80
N SER A 135 18.13 14.75 -5.32
CA SER A 135 17.57 13.75 -6.23
C SER A 135 16.69 12.74 -5.49
N GLN A 136 16.95 12.52 -4.20
CA GLN A 136 16.05 11.76 -3.35
C GLN A 136 14.69 12.43 -3.26
N LEU A 137 14.62 13.73 -3.53
CA LEU A 137 13.34 14.42 -3.66
C LEU A 137 12.78 14.26 -5.07
N ASP A 138 13.63 14.42 -6.10
CA ASP A 138 13.16 14.24 -7.47
C ASP A 138 12.65 12.83 -7.71
N ALA A 139 13.17 11.84 -6.97
CA ALA A 139 12.71 10.47 -7.12
C ALA A 139 11.29 10.25 -6.62
N THR A 141 8.60 11.75 -7.38
CA THR A 141 7.62 11.87 -8.46
C THR A 141 8.17 11.21 -9.70
N VAL A 142 7.37 10.37 -10.34
CA VAL A 142 7.81 9.53 -11.46
C VAL A 142 7.29 10.14 -12.76
N LEU A 143 8.19 10.31 -13.72
CA LEU A 143 7.89 10.93 -15.01
C LEU A 143 7.91 9.89 -16.12
N SER A 144 7.28 10.24 -17.24
CA SER A 144 7.25 9.33 -18.36
C SER A 144 8.56 9.42 -19.14
N THR A 145 8.77 8.45 -20.02
CA THR A 145 9.97 8.39 -20.85
C THR A 145 9.60 8.35 -22.32
N LEU A 146 8.42 8.87 -22.65
CA LEU A 146 7.71 8.53 -23.86
C LEU A 146 6.35 9.22 -23.84
N GLU A 147 5.83 9.64 -24.98
CA GLU A 147 4.44 10.07 -25.04
C GLU A 147 3.65 8.95 -25.72
N GLY A 148 2.73 8.36 -24.98
CA GLY A 148 1.89 7.29 -25.48
C GLY A 148 0.53 7.31 -24.79
N THR A 149 -0.04 6.13 -24.61
CA THR A 149 -1.36 5.96 -24.01
C THR A 149 -1.19 5.20 -22.71
N VAL A 150 -1.67 5.77 -21.61
CA VAL A 150 -1.74 4.99 -20.38
C VAL A 150 -2.87 3.98 -20.51
N VAL A 151 -2.54 2.71 -20.28
CA VAL A 151 -3.48 1.61 -20.45
C VAL A 151 -3.81 0.91 -19.14
N GLU A 152 -3.21 1.33 -18.02
CA GLU A 152 -3.43 0.65 -16.76
C GLU A 152 -2.99 1.53 -15.60
N VAL A 153 -3.91 1.75 -14.66
CA VAL A 153 -3.60 2.31 -13.34
C VAL A 153 -4.09 1.33 -12.30
N ASN A 154 -3.40 1.30 -11.16
CA ASN A 154 -3.76 0.41 -10.05
C ASN A 154 -3.32 1.09 -8.75
N SER A 155 -4.25 1.81 -8.14
CA SER A 155 -3.97 2.54 -6.91
C SER A 155 -4.08 1.68 -5.66
N ASN A 156 -4.38 0.40 -5.80
CA ASN A 156 -4.61 -0.49 -4.66
C ASN A 156 -3.49 -1.54 -4.64
N VAL A 157 -2.31 -1.11 -4.19
CA VAL A 157 -1.15 -1.98 -4.05
C VAL A 157 -0.63 -1.88 -2.63
N SER A 158 0.06 -2.93 -2.19
CA SER A 158 0.51 -3.04 -0.81
C SER A 158 2.04 -2.96 -0.71
N LYS A 159 2.52 -2.51 0.45
CA LYS A 159 3.96 -2.53 0.74
C LYS A 159 4.26 -3.80 1.51
N SER A 160 4.46 -4.89 0.76
CA SER A 160 4.88 -6.16 1.31
C SER A 160 5.49 -6.95 0.16
N PRO A 161 6.59 -7.67 0.39
CA PRO A 161 7.08 -8.61 -0.64
C PRO A 161 5.98 -9.56 -1.07
N THR A 162 5.06 -9.04 -1.89
CA THR A 162 3.80 -9.70 -2.23
C THR A 162 3.97 -10.94 -3.09
N GLY A 163 5.20 -11.37 -3.36
CA GLY A 163 5.44 -12.49 -4.23
C GLY A 163 5.39 -12.17 -5.71
N ALA A 164 4.78 -11.05 -6.09
CA ALA A 164 4.76 -10.61 -7.48
C ALA A 164 5.17 -9.14 -7.56
N SER A 165 5.10 -8.56 -8.76
CA SER A 165 5.45 -7.16 -8.98
C SER A 165 4.18 -6.38 -9.26
N GLN A 166 3.92 -5.37 -8.45
CA GLN A 166 2.64 -4.63 -8.49
C GLN A 166 2.76 -3.48 -9.48
N VAL A 167 2.23 -3.68 -10.68
CA VAL A 167 2.19 -2.61 -11.68
C VAL A 167 1.26 -1.51 -11.19
N VAL A 169 1.33 1.90 -13.12
CA VAL A 169 0.99 2.61 -14.36
C VAL A 169 1.65 1.88 -15.51
N HIS A 170 0.90 1.63 -16.58
CA HIS A 170 1.47 1.09 -17.80
C HIS A 170 1.15 2.02 -18.96
N ILE A 171 2.20 2.49 -19.63
CA ILE A 171 2.08 3.37 -20.79
C ILE A 171 2.68 2.64 -21.98
N VAL A 172 1.97 2.64 -23.12
CA VAL A 172 2.53 2.14 -24.37
C VAL A 172 2.27 3.16 -25.46
N SER A 173 3.27 3.37 -26.32
CA SER A 173 3.14 4.31 -27.44
C SER A 173 2.43 3.62 -28.58
N ASN A 174 1.35 4.23 -29.07
CA ASN A 174 0.69 3.68 -30.24
C ASN A 174 1.33 4.15 -31.55
N GLU A 175 2.57 4.60 -31.55
CA GLU A 175 3.22 4.90 -32.81
C GLU A 175 4.60 4.24 -32.86
N ASN A 176 5.15 4.18 -34.08
CA ASN A 176 6.26 3.30 -34.43
C ASN A 176 5.87 1.84 -34.18
N LEU A 177 4.70 1.49 -34.66
CA LEU A 177 4.22 0.12 -34.53
C LEU A 177 5.21 -0.86 -35.16
N GLN A 178 5.10 -2.10 -34.74
CA GLN A 178 5.83 -3.19 -35.35
C GLN A 178 4.87 -4.35 -35.49
N VAL A 179 5.29 -5.40 -36.18
CA VAL A 179 4.58 -6.66 -36.13
C VAL A 179 5.58 -7.75 -35.79
N LYS A 180 5.28 -8.51 -34.76
CA LYS A 180 6.19 -9.53 -34.25
C LYS A 180 5.56 -10.90 -34.45
N GLY A 181 6.42 -11.88 -34.60
CA GLY A 181 5.99 -13.24 -34.71
C GLY A 181 7.15 -14.19 -34.57
N GLU A 182 6.93 -15.43 -34.98
CA GLU A 182 7.98 -16.45 -34.97
C GLU A 182 7.90 -17.27 -36.24
N LEU A 183 8.94 -18.09 -36.44
CA LEU A 183 9.03 -18.95 -37.60
C LEU A 183 9.68 -20.27 -37.20
N SER A 184 9.36 -21.32 -37.94
CA SER A 184 9.82 -22.67 -37.62
C SER A 184 11.28 -22.86 -38.04
N GLU A 185 11.81 -24.04 -37.76
CA GLU A 185 13.17 -24.37 -38.18
C GLU A 185 13.31 -24.28 -39.69
N TYR A 186 12.40 -24.92 -40.43
CA TYR A 186 12.38 -24.78 -41.88
C TYR A 186 12.25 -23.32 -42.28
N ASN A 187 11.48 -22.54 -41.52
CA ASN A 187 11.04 -21.25 -42.00
C ASN A 187 12.11 -20.17 -41.96
N LEU A 188 13.23 -20.38 -41.26
CA LEU A 188 14.27 -19.35 -41.27
C LEU A 188 14.96 -19.29 -42.64
N ALA A 189 15.19 -20.44 -43.28
CA ALA A 189 15.89 -20.45 -44.56
C ALA A 189 15.07 -19.80 -45.67
N ASN A 190 14.31 -18.75 -45.34
CA ASN A 190 13.47 -18.02 -46.29
C ASN A 190 13.79 -16.54 -46.17
N LEU A 191 15.00 -16.16 -46.58
CA LEU A 191 15.45 -14.77 -46.63
C LEU A 191 15.47 -14.13 -45.25
N SER A 192 15.88 -12.86 -45.16
CA SER A 192 16.23 -12.33 -43.84
C SER A 192 16.08 -10.83 -43.68
N VAL A 193 17.06 -10.22 -42.99
CA VAL A 193 16.97 -8.84 -42.56
C VAL A 193 16.98 -7.90 -43.76
N GLY A 194 16.44 -6.71 -43.56
CA GLY A 194 16.45 -5.70 -44.59
C GLY A 194 15.50 -5.95 -45.73
N GLN A 195 14.61 -6.92 -45.61
CA GLN A 195 13.65 -7.19 -46.66
C GLN A 195 12.36 -6.41 -46.43
N GLU A 196 11.77 -5.93 -47.52
CA GLU A 196 10.47 -5.28 -47.47
C GLU A 196 9.38 -6.29 -47.74
N VAL A 197 8.30 -6.20 -46.96
CA VAL A 197 7.16 -7.11 -47.04
C VAL A 197 5.87 -6.29 -47.01
N SER A 198 4.77 -6.96 -47.30
CA SER A 198 3.45 -6.36 -47.17
C SER A 198 2.48 -7.38 -46.58
N PHE A 199 1.58 -6.91 -45.73
CA PHE A 199 0.70 -7.81 -44.97
C PHE A 199 -0.75 -7.36 -45.07
N THR A 200 -1.64 -8.25 -44.61
CA THR A 200 -3.09 -8.06 -44.71
C THR A 200 -3.73 -8.29 -43.33
N SER A 201 -4.97 -7.84 -43.18
CA SER A 201 -5.66 -7.91 -41.90
C SER A 201 -7.09 -8.41 -42.10
N LYS A 202 -7.46 -9.46 -41.34
CA LYS A 202 -8.75 -10.12 -41.48
C LYS A 202 -9.93 -9.21 -41.21
N VAL A 203 -9.73 -8.04 -40.62
CA VAL A 203 -10.83 -7.10 -40.39
C VAL A 203 -10.96 -6.05 -41.48
N TYR A 204 -9.92 -5.84 -42.29
CA TYR A 204 -9.96 -4.93 -43.43
C TYR A 204 -9.46 -5.69 -44.64
N PRO A 205 -10.30 -6.52 -45.25
CA PRO A 205 -9.83 -7.35 -46.37
C PRO A 205 -9.35 -6.55 -47.56
N ASP A 206 -9.71 -5.26 -47.64
CA ASP A 206 -9.31 -4.40 -48.75
C ASP A 206 -7.84 -4.05 -48.66
N LYS A 207 -7.44 -3.27 -47.66
CA LYS A 207 -6.13 -2.64 -47.67
C LYS A 207 -5.02 -3.63 -47.34
N LYS A 208 -3.82 -3.28 -47.76
CA LYS A 208 -2.61 -4.01 -47.40
C LYS A 208 -1.53 -3.01 -47.03
N TRP A 209 -0.88 -3.24 -45.90
CA TRP A 209 0.19 -2.39 -45.43
C TRP A 209 1.52 -3.07 -45.68
N THR A 210 2.57 -2.26 -45.73
CA THR A 210 3.90 -2.77 -46.04
C THR A 210 4.85 -2.50 -44.87
N GLY A 211 5.91 -3.29 -44.82
CA GLY A 211 6.88 -3.18 -43.75
C GLY A 211 8.24 -3.65 -44.21
N LYS A 212 9.27 -3.23 -43.48
CA LYS A 212 10.65 -3.60 -43.73
C LYS A 212 11.14 -4.43 -42.56
N LEU A 213 11.45 -5.70 -42.81
CA LEU A 213 11.88 -6.63 -41.76
C LEU A 213 13.05 -6.06 -40.97
N SER A 214 12.91 -6.02 -39.65
CA SER A 214 13.89 -5.39 -38.78
C SER A 214 14.73 -6.38 -37.99
N TYR A 215 14.23 -7.59 -37.70
CA TYR A 215 15.02 -8.48 -36.89
C TYR A 215 14.57 -9.93 -37.05
N ILE A 216 15.55 -10.83 -37.19
CA ILE A 216 15.35 -12.27 -37.08
C ILE A 216 16.34 -12.80 -36.06
N SER A 217 15.89 -13.73 -35.22
CA SER A 217 16.72 -14.31 -34.18
C SER A 217 17.29 -15.64 -34.61
N ASP A 218 18.46 -15.96 -34.08
CA ASP A 218 19.03 -17.31 -34.15
C ASP A 218 18.94 -18.01 -32.80
N TYR A 219 18.07 -17.54 -31.92
CA TYR A 219 17.94 -18.10 -30.58
C TYR A 219 16.44 -18.34 -30.30
N PRO A 220 16.03 -19.56 -29.99
CA PRO A 220 14.64 -19.94 -29.71
C PRO A 220 14.14 -19.48 -28.35
N THR A 235 7.89 -30.43 -31.97
CA THR A 235 7.00 -29.63 -32.78
C THR A 235 7.75 -28.50 -33.47
N GLY A 236 9.03 -28.40 -33.18
CA GLY A 236 9.91 -27.45 -33.88
C GLY A 236 10.27 -26.26 -33.03
N SER A 237 11.55 -25.88 -33.10
CA SER A 237 12.00 -24.65 -32.46
C SER A 237 11.50 -23.44 -33.24
N LYS A 238 11.14 -22.40 -32.50
CA LYS A 238 10.57 -21.18 -33.08
C LYS A 238 11.48 -20.01 -32.80
N TYR A 239 11.74 -19.21 -33.84
CA TYR A 239 12.58 -18.05 -33.64
C TYR A 239 11.75 -16.80 -33.87
N PRO A 240 11.99 -15.72 -33.12
CA PRO A 240 11.16 -14.52 -33.29
C PRO A 240 11.69 -13.53 -34.32
N TYR A 241 10.77 -12.97 -35.10
CA TYR A 241 11.04 -11.90 -36.03
C TYR A 241 10.23 -10.67 -35.64
N THR A 242 10.76 -9.49 -35.98
CA THR A 242 10.05 -8.24 -35.82
C THR A 242 10.19 -7.41 -37.09
N ILE A 243 9.10 -6.74 -37.48
CA ILE A 243 9.06 -5.89 -38.67
C ILE A 243 8.66 -4.49 -38.23
N ASP A 244 9.49 -3.51 -38.57
CA ASP A 244 9.08 -2.13 -38.50
C ASP A 244 8.14 -1.81 -39.66
N VAL A 245 7.05 -1.10 -39.37
CA VAL A 245 5.99 -0.90 -40.36
C VAL A 245 6.25 0.35 -41.17
N THR A 246 5.99 0.25 -42.47
CA THR A 246 6.14 1.35 -43.40
C THR A 246 4.83 2.16 -43.49
N GLY A 247 4.95 3.36 -44.02
CA GLY A 247 3.82 4.19 -44.41
C GLY A 247 2.89 4.51 -43.27
N GLU A 248 1.62 4.68 -43.63
CA GLU A 248 0.58 5.13 -42.71
C GLU A 248 -0.01 3.95 -41.95
N VAL A 249 -0.28 4.17 -40.67
CA VAL A 249 -0.91 3.13 -39.87
C VAL A 249 -2.37 2.96 -40.27
N GLY A 250 -3.03 4.06 -40.63
CA GLY A 250 -4.43 3.94 -41.02
C GLY A 250 -5.26 3.49 -39.83
N ASP A 251 -5.91 2.34 -39.97
CA ASP A 251 -6.79 1.83 -38.92
C ASP A 251 -6.26 0.57 -38.24
N LEU A 252 -4.97 0.24 -38.39
CA LEU A 252 -4.44 -0.92 -37.67
C LEU A 252 -4.27 -0.60 -36.20
N LYS A 253 -4.92 -1.38 -35.36
CA LYS A 253 -4.75 -1.32 -33.93
C LYS A 253 -3.68 -2.32 -33.52
N GLN A 254 -3.09 -2.07 -32.35
CA GLN A 254 -2.22 -3.06 -31.75
C GLN A 254 -2.97 -4.38 -31.57
N GLY A 255 -2.23 -5.47 -31.55
CA GLY A 255 -2.81 -6.78 -31.33
C GLY A 255 -3.53 -7.38 -32.51
N PHE A 256 -3.67 -6.66 -33.61
CA PHE A 256 -4.32 -7.20 -34.80
C PHE A 256 -3.53 -8.37 -35.35
N SER A 257 -4.22 -9.47 -35.63
CA SER A 257 -3.60 -10.62 -36.28
C SER A 257 -3.43 -10.34 -37.76
N VAL A 258 -2.21 -10.51 -38.26
CA VAL A 258 -1.88 -10.19 -39.63
C VAL A 258 -1.46 -11.46 -40.36
N ASN A 259 -1.16 -11.30 -41.65
CA ASN A 259 -0.80 -12.40 -42.53
C ASN A 259 -0.01 -11.88 -43.72
N GLU A 261 3.02 -13.01 -47.23
CA GLU A 261 3.48 -13.93 -48.26
C GLU A 261 4.87 -13.47 -48.71
N VAL A 262 5.88 -14.34 -48.53
CA VAL A 262 7.24 -14.04 -48.93
C VAL A 262 7.72 -15.36 -49.53
N LYS A 263 8.93 -15.33 -50.09
CA LYS A 263 9.51 -16.52 -50.71
C LYS A 263 10.54 -17.17 -49.80
N SER A 264 10.89 -18.42 -50.08
CA SER A 264 11.85 -19.15 -49.29
C SER A 264 13.12 -19.44 -50.10
N LYS A 265 13.56 -20.70 -50.06
CA LYS A 265 14.75 -21.11 -50.79
C LYS A 265 14.57 -22.48 -51.44
N SER B 2 -26.74 -3.40 -35.69
CA SER B 2 -26.15 -3.14 -34.38
C SER B 2 -25.09 -4.19 -34.04
N VAL B 3 -24.60 -4.14 -32.81
CA VAL B 3 -23.50 -5.00 -32.37
C VAL B 3 -23.82 -5.51 -30.97
N LEU B 4 -23.71 -6.81 -30.76
CA LEU B 4 -23.99 -7.42 -29.46
C LEU B 4 -22.71 -7.83 -28.76
N LEU B 5 -22.69 -7.62 -27.45
CA LEU B 5 -21.55 -7.92 -26.61
C LEU B 5 -22.02 -8.53 -25.31
N SER B 6 -21.17 -9.35 -24.71
CA SER B 6 -21.39 -9.83 -23.35
C SER B 6 -20.57 -8.99 -22.38
N GLY B 7 -20.90 -9.10 -21.11
CA GLY B 7 -20.18 -8.36 -20.09
C GLY B 7 -20.75 -8.67 -18.73
N THR B 8 -20.01 -8.24 -17.71
CA THR B 8 -20.43 -8.46 -16.33
C THR B 8 -20.60 -7.12 -15.63
N VAL B 9 -21.53 -7.12 -14.66
CA VAL B 9 -21.78 -5.94 -13.84
C VAL B 9 -20.66 -5.82 -12.82
N THR B 10 -19.82 -4.81 -12.98
CA THR B 10 -18.74 -4.53 -12.06
C THR B 10 -18.95 -3.15 -11.44
N ALA B 11 -18.31 -2.94 -10.30
CA ALA B 11 -18.33 -1.62 -9.71
C ALA B 11 -17.22 -0.77 -10.29
N LYS B 12 -17.34 0.54 -10.08
CA LYS B 12 -16.37 1.50 -10.59
C LYS B 12 -15.29 1.80 -9.57
N ASN B 13 -15.68 2.09 -8.34
CA ASN B 13 -14.78 2.55 -7.30
C ASN B 13 -14.69 1.50 -6.19
N GLU B 14 -13.47 1.21 -5.77
CA GLU B 14 -13.25 0.26 -4.68
C GLU B 14 -11.96 0.64 -3.97
N GLN B 15 -11.73 -0.01 -2.82
CA GLN B 15 -10.56 0.25 -2.02
C GLN B 15 -10.22 -0.99 -1.20
N TYR B 16 -8.96 -1.41 -1.30
CA TYR B 16 -8.38 -2.42 -0.43
C TYR B 16 -7.45 -1.73 0.56
N VAL B 17 -7.55 -2.11 1.83
CA VAL B 17 -6.54 -1.73 2.82
C VAL B 17 -5.90 -3.02 3.29
N TYR B 18 -4.61 -3.14 3.00
CA TYR B 18 -3.77 -4.28 3.37
C TYR B 18 -3.00 -3.92 4.63
N PHE B 19 -2.58 -4.97 5.35
CA PHE B 19 -1.78 -4.76 6.55
C PHE B 19 -0.46 -4.10 6.20
N ASP B 20 0.03 -3.27 7.12
CA ASP B 20 1.31 -2.56 6.94
C ASP B 20 2.08 -2.66 8.24
N ALA B 21 3.14 -3.49 8.24
CA ALA B 21 3.98 -3.65 9.43
C ALA B 21 4.70 -2.37 9.78
N SER B 22 5.08 -1.57 8.78
CA SER B 22 5.78 -0.32 9.02
C SER B 22 4.93 0.71 9.76
N LYS B 23 3.63 0.46 9.93
CA LYS B 23 2.79 1.28 10.76
C LYS B 23 2.67 0.75 12.19
N GLY B 24 3.17 -0.46 12.45
CA GLY B 24 3.25 -0.94 13.81
C GLY B 24 2.38 -2.15 14.14
N ASP B 25 1.36 -1.94 14.96
CA ASP B 25 0.48 -3.00 15.43
C ASP B 25 -0.97 -2.55 15.28
N LEU B 26 -1.86 -3.51 15.07
CA LEU B 26 -3.28 -3.23 14.89
C LEU B 26 -3.99 -3.25 16.23
N ASP B 27 -4.86 -2.26 16.45
CA ASP B 27 -5.72 -2.24 17.63
C ASP B 27 -7.12 -2.76 17.28
N GLU B 28 -7.90 -1.94 16.58
CA GLU B 28 -9.22 -2.32 16.11
C GLU B 28 -9.38 -1.96 14.64
N ILE B 29 -10.38 -2.59 14.01
CA ILE B 29 -10.74 -2.28 12.63
C ILE B 29 -12.06 -1.51 12.52
N LEU B 30 -12.84 -1.43 13.60
CA LEU B 30 -13.91 -0.45 13.77
C LEU B 30 -14.93 -0.40 12.61
N VAL B 31 -14.95 -1.39 11.74
CA VAL B 31 -16.01 -1.54 10.74
C VAL B 31 -16.37 -3.01 10.64
N SER B 32 -17.65 -3.29 10.47
CA SER B 32 -18.14 -4.65 10.25
C SER B 32 -18.63 -4.79 8.83
N VAL B 33 -18.49 -5.99 8.28
CA VAL B 33 -18.87 -6.23 6.88
C VAL B 33 -20.34 -5.89 6.68
N GLY B 34 -20.65 -5.22 5.58
CA GLY B 34 -21.98 -4.71 5.37
C GLY B 34 -22.22 -3.41 6.11
N ASP B 35 -21.31 -2.45 5.93
CA ASP B 35 -21.43 -1.12 6.51
C ASP B 35 -21.23 -0.08 5.42
N LYS B 36 -22.10 0.92 5.40
CA LYS B 36 -21.91 2.04 4.50
C LYS B 36 -20.82 2.95 5.07
N VAL B 37 -19.88 3.33 4.22
CA VAL B 37 -18.79 4.23 4.60
C VAL B 37 -18.74 5.36 3.59
N SER B 38 -18.41 6.55 4.07
CA SER B 38 -18.26 7.71 3.19
C SER B 38 -16.81 8.16 3.17
N GLU B 39 -16.47 8.88 2.11
CA GLU B 39 -15.11 9.36 1.91
C GLU B 39 -14.62 10.16 3.10
N GLY B 40 -13.56 9.67 3.75
CA GLY B 40 -12.96 10.31 4.89
C GLY B 40 -13.06 9.50 6.18
N GLN B 41 -14.06 8.62 6.27
CA GLN B 41 -14.26 7.84 7.49
C GLN B 41 -13.09 6.89 7.73
N ALA B 42 -12.68 6.78 8.98
CA ALA B 42 -11.64 5.83 9.35
C ALA B 42 -12.15 4.41 9.21
N LEU B 43 -11.25 3.49 8.86
CA LEU B 43 -11.60 2.07 8.77
C LEU B 43 -10.60 1.13 9.45
N VAL B 44 -9.42 1.59 9.84
CA VAL B 44 -8.53 0.82 10.70
C VAL B 44 -7.76 1.82 11.57
N LYS B 45 -7.52 1.42 12.82
CA LYS B 45 -6.72 2.21 13.73
C LYS B 45 -5.60 1.32 14.27
N TYR B 46 -4.36 1.68 13.94
CA TYR B 46 -3.21 1.07 14.59
C TYR B 46 -2.98 1.70 15.96
N SER B 47 -2.23 1.01 16.81
CA SER B 47 -1.96 1.51 18.15
C SER B 47 -1.01 2.69 18.09
N SER B 48 -1.49 3.86 18.51
CA SER B 48 -0.80 5.13 18.31
C SER B 48 0.13 5.50 19.47
N SER B 49 0.57 4.52 20.27
CA SER B 49 1.39 4.80 21.44
C SER B 49 2.73 5.42 21.08
N GLU B 50 3.58 4.68 20.36
CA GLU B 50 4.90 5.17 20.00
C GLU B 50 4.82 6.50 19.25
N ALA B 51 3.83 6.63 18.35
CA ALA B 51 3.67 7.88 17.63
C ALA B 51 3.34 9.02 18.59
N GLN B 52 2.51 8.74 19.60
CA GLN B 52 2.23 9.73 20.63
C GLN B 52 3.52 10.17 21.32
N ALA B 53 4.26 9.21 21.87
CA ALA B 53 5.51 9.53 22.55
C ALA B 53 6.44 10.34 21.67
N ALA B 54 6.47 10.01 20.36
CA ALA B 54 7.27 10.78 19.42
C ALA B 54 6.80 12.23 19.34
N TYR B 55 5.48 12.43 19.26
CA TYR B 55 4.95 13.79 19.24
C TYR B 55 5.36 14.56 20.49
N ASP B 56 5.22 13.93 21.66
CA ASP B 56 5.56 14.60 22.92
C ASP B 56 7.04 14.97 22.95
N SER B 57 7.92 14.00 22.73
CA SER B 57 9.35 14.27 22.74
C SER B 57 9.73 15.34 21.72
N ALA B 58 9.00 15.41 20.60
CA ALA B 58 9.29 16.43 19.60
C ALA B 58 8.88 17.81 20.10
N SER B 59 7.69 17.93 20.70
CA SER B 59 7.28 19.20 21.26
C SER B 59 8.24 19.66 22.34
N ARG B 60 8.72 18.72 23.17
CA ARG B 60 9.75 19.07 24.15
C ARG B 60 11.05 19.47 23.48
N ALA B 61 11.32 18.94 22.28
CA ALA B 61 12.49 19.39 21.52
C ALA B 61 12.34 20.86 21.12
N VAL B 62 11.14 21.25 20.68
CA VAL B 62 10.91 22.66 20.34
C VAL B 62 10.97 23.52 21.60
N ALA B 63 10.47 22.99 22.72
CA ALA B 63 10.50 23.70 23.98
C ALA B 63 11.93 24.01 24.39
N ARG B 64 12.75 22.96 24.54
CA ARG B 64 14.14 23.12 24.92
C ARG B 64 14.91 23.97 23.92
N ALA B 65 14.59 23.85 22.63
CA ALA B 65 15.25 24.70 21.63
C ALA B 65 14.93 26.17 21.86
N ASP B 66 13.65 26.49 22.09
CA ASP B 66 13.27 27.86 22.37
C ASP B 66 13.97 28.38 23.62
N ARG B 67 13.97 27.57 24.69
CA ARG B 67 14.71 27.93 25.90
C ARG B 67 16.17 28.25 25.59
N HIS B 68 16.79 27.46 24.71
CA HIS B 68 18.19 27.69 24.38
C HIS B 68 18.39 29.00 23.66
N ILE B 69 17.58 29.26 22.63
CA ILE B 69 17.69 30.53 21.91
C ILE B 69 17.49 31.71 22.87
N ASN B 70 16.56 31.57 23.81
CA ASN B 70 16.30 32.65 24.76
C ASN B 70 17.48 32.87 25.70
N GLU B 71 18.00 31.79 26.30
CA GLU B 71 19.12 31.93 27.22
C GLU B 71 20.35 32.49 26.51
N LEU B 72 20.57 32.07 25.26
CA LEU B 72 21.67 32.66 24.50
C LEU B 72 21.40 34.12 24.18
N ASN B 73 20.14 34.51 24.04
CA ASN B 73 19.81 35.92 23.81
C ASN B 73 20.11 36.76 25.05
N GLN B 74 19.57 36.35 26.22
CA GLN B 74 19.90 37.03 27.46
C GLN B 74 21.39 37.03 27.75
N ALA B 75 22.13 36.05 27.22
CA ALA B 75 23.56 35.96 27.45
C ALA B 75 24.39 36.67 26.37
N ARG B 76 23.78 37.13 25.28
CA ARG B 76 24.53 37.95 24.33
C ARG B 76 24.55 39.41 24.77
N ASN B 77 23.45 39.90 25.35
CA ASN B 77 23.42 41.28 25.83
C ASN B 77 24.35 41.47 27.03
N GLU B 78 24.39 40.49 27.93
CA GLU B 78 25.30 40.58 29.07
C GLU B 78 26.75 40.65 28.63
N ALA B 79 27.07 40.10 27.46
CA ALA B 79 28.41 40.20 26.92
C ALA B 79 28.62 41.49 26.12
N ALA B 80 27.56 42.09 25.61
CA ALA B 80 27.63 43.36 24.90
C ALA B 80 27.72 44.55 25.86
N SER B 81 28.17 44.33 27.10
CA SER B 81 28.34 45.38 28.10
C SER B 81 29.63 45.07 28.86
N ALA B 82 30.76 45.39 28.23
CA ALA B 82 32.06 45.07 28.79
C ALA B 82 32.52 46.14 29.79
N ASN B 107 31.30 34.03 27.24
CA ASN B 107 32.32 34.34 26.25
C ASN B 107 32.04 35.66 25.56
N SER B 108 32.53 35.82 24.34
CA SER B 108 32.33 37.05 23.58
C SER B 108 31.15 36.91 22.62
N VAL B 109 30.62 38.06 22.22
CA VAL B 109 29.40 38.10 21.41
C VAL B 109 29.54 37.40 20.07
N ALA B 110 30.76 37.17 19.60
CA ALA B 110 30.95 36.36 18.40
C ALA B 110 30.69 34.88 18.69
N SER B 111 31.23 34.39 19.80
CA SER B 111 30.93 33.04 20.25
C SER B 111 29.43 32.83 20.40
N ILE B 112 28.74 33.82 20.98
CA ILE B 112 27.30 33.72 21.17
C ILE B 112 26.58 33.78 19.83
N ASP B 113 27.07 34.60 18.90
CA ASP B 113 26.47 34.64 17.57
C ASP B 113 26.55 33.27 16.91
N ALA B 114 27.71 32.63 16.98
CA ALA B 114 27.87 31.28 16.43
C ALA B 114 26.89 30.30 17.08
N GLN B 115 26.87 30.27 18.42
CA GLN B 115 25.94 29.38 19.11
C GLN B 115 24.50 29.67 18.73
N LEU B 116 24.17 30.92 18.42
CA LEU B 116 22.83 31.27 17.97
C LEU B 116 22.53 30.63 16.62
N GLY B 117 23.43 30.82 15.66
CA GLY B 117 23.30 30.13 14.39
C GLY B 117 23.19 28.63 14.53
N ASP B 118 23.75 28.06 15.59
CA ASP B 118 23.64 26.62 15.82
C ASP B 118 22.42 26.23 16.66
N ALA B 119 21.70 27.20 17.23
CA ALA B 119 20.45 26.91 17.91
C ALA B 119 19.23 27.13 17.04
N ARG B 120 19.32 28.02 16.05
CA ARG B 120 18.25 28.11 15.06
C ARG B 120 18.19 26.85 14.21
N ASP B 121 19.35 26.28 13.88
CA ASP B 121 19.37 24.99 13.21
C ASP B 121 18.73 23.91 14.08
N ALA B 122 19.07 23.89 15.36
CA ALA B 122 18.48 22.91 16.28
C ALA B 122 16.97 23.07 16.36
N ARG B 123 16.47 24.30 16.38
CA ARG B 123 15.03 24.50 16.42
C ARG B 123 14.36 24.11 15.11
N ALA B 124 15.06 24.28 13.98
CA ALA B 124 14.49 23.82 12.71
C ALA B 124 14.42 22.30 12.66
N ASP B 125 15.46 21.62 13.12
CA ASP B 125 15.41 20.17 13.23
C ASP B 125 14.29 19.73 14.16
N ALA B 126 14.09 20.46 15.25
CA ALA B 126 13.01 20.11 16.19
C ALA B 126 11.64 20.28 15.54
N ALA B 127 11.48 21.33 14.73
CA ALA B 127 10.21 21.53 14.02
C ALA B 127 9.96 20.41 13.03
N ALA B 128 10.96 20.09 12.20
CA ALA B 128 10.81 19.01 11.23
C ALA B 128 10.47 17.69 11.92
N GLN B 129 11.19 17.38 13.00
CA GLN B 129 10.89 16.17 13.78
C GLN B 129 9.45 16.21 14.28
N LEU B 130 8.99 17.37 14.74
CA LEU B 130 7.62 17.50 15.24
C LEU B 130 6.61 17.15 14.16
N SER B 131 6.73 17.79 12.99
CA SER B 131 5.76 17.51 11.92
C SER B 131 5.85 16.07 11.44
N LYS B 132 7.05 15.49 11.44
CA LYS B 132 7.17 14.05 11.17
C LYS B 132 6.32 13.26 12.15
N ALA B 133 6.34 13.64 13.43
CA ALA B 133 5.48 12.98 14.41
C ALA B 133 4.01 13.24 14.15
N GLN B 134 3.66 14.43 13.64
CA GLN B 134 2.27 14.75 13.36
C GLN B 134 1.72 13.86 12.24
N SER B 135 2.43 13.82 11.11
CA SER B 135 1.98 13.02 9.98
C SER B 135 2.07 11.53 10.26
N GLN B 136 3.06 11.09 11.04
CA GLN B 136 3.04 9.69 11.45
C GLN B 136 1.89 9.41 12.41
N LEU B 137 1.44 10.44 13.13
CA LEU B 137 0.33 10.25 14.06
C LEU B 137 -0.98 10.06 13.31
N ASP B 138 -1.29 10.93 12.36
CA ASP B 138 -2.53 10.69 11.62
C ASP B 138 -2.42 9.52 10.65
N ALA B 139 -1.21 9.04 10.37
CA ALA B 139 -1.04 7.84 9.55
C ALA B 139 -1.36 6.55 10.30
N THR B 141 -4.42 5.99 11.37
CA THR B 141 -5.83 5.81 11.05
C THR B 141 -5.96 5.92 9.53
N VAL B 142 -6.27 4.82 8.88
CA VAL B 142 -6.47 4.81 7.44
C VAL B 142 -7.92 5.16 7.13
N LEU B 143 -8.12 6.03 6.16
CA LEU B 143 -9.42 6.58 5.82
C LEU B 143 -9.89 6.06 4.47
N SER B 144 -11.21 6.15 4.26
CA SER B 144 -11.81 5.63 3.04
C SER B 144 -11.69 6.65 1.92
N THR B 145 -11.50 6.16 0.69
CA THR B 145 -11.31 7.02 -0.46
C THR B 145 -12.60 7.26 -1.25
N LEU B 146 -13.74 6.81 -0.74
CA LEU B 146 -14.95 6.87 -1.53
C LEU B 146 -16.16 6.57 -0.67
N GLU B 147 -17.31 7.05 -1.12
CA GLU B 147 -18.59 6.51 -0.66
C GLU B 147 -18.68 5.06 -1.10
N GLY B 148 -18.94 4.17 -0.16
CA GLY B 148 -18.98 2.77 -0.53
C GLY B 148 -19.52 1.90 0.58
N THR B 149 -19.56 0.61 0.28
CA THR B 149 -20.01 -0.42 1.21
C THR B 149 -18.87 -1.41 1.44
N VAL B 150 -18.60 -1.71 2.71
CA VAL B 150 -17.49 -2.59 3.05
C VAL B 150 -17.92 -4.03 2.79
N VAL B 151 -17.15 -4.75 1.98
CA VAL B 151 -17.50 -6.11 1.59
C VAL B 151 -16.66 -7.16 2.26
N GLU B 152 -15.58 -6.80 2.96
CA GLU B 152 -14.84 -7.82 3.67
C GLU B 152 -13.99 -7.19 4.77
N VAL B 153 -14.04 -7.76 5.96
CA VAL B 153 -13.16 -7.38 7.06
C VAL B 153 -12.46 -8.63 7.56
N ASN B 154 -11.21 -8.47 8.01
CA ASN B 154 -10.39 -9.61 8.40
C ASN B 154 -9.35 -9.13 9.41
N SER B 155 -9.51 -9.52 10.68
CA SER B 155 -8.63 -9.10 11.76
C SER B 155 -7.64 -10.19 12.15
N ASN B 156 -7.35 -11.12 11.23
CA ASN B 156 -6.43 -12.21 11.51
C ASN B 156 -5.30 -12.14 10.48
N VAL B 157 -4.24 -11.43 10.84
CA VAL B 157 -3.08 -11.23 9.99
C VAL B 157 -1.84 -11.65 10.76
N SER B 158 -0.75 -11.86 10.02
CA SER B 158 0.57 -12.03 10.60
C SER B 158 1.39 -10.77 10.33
N LYS B 159 2.44 -10.59 11.13
CA LYS B 159 3.40 -9.52 10.91
C LYS B 159 4.46 -9.90 9.89
N SER B 160 5.16 -11.02 10.09
CA SER B 160 6.21 -11.48 9.17
C SER B 160 5.65 -11.65 7.76
N PRO B 161 6.03 -10.73 6.88
CA PRO B 161 5.65 -10.77 5.48
C PRO B 161 5.60 -12.22 5.18
N THR B 162 4.82 -12.89 6.01
CA THR B 162 4.59 -14.31 5.96
C THR B 162 4.39 -14.83 4.55
N GLY B 163 3.45 -14.23 3.81
CA GLY B 163 3.20 -14.70 2.47
C GLY B 163 2.96 -13.62 1.46
N ALA B 164 1.73 -13.54 0.98
CA ALA B 164 1.34 -12.55 0.00
C ALA B 164 0.77 -11.33 0.68
N SER B 165 -0.16 -10.66 0.02
CA SER B 165 -0.71 -9.44 0.60
C SER B 165 -1.90 -9.79 1.47
N GLN B 166 -1.95 -9.22 2.68
CA GLN B 166 -3.01 -9.51 3.64
C GLN B 166 -4.08 -8.43 3.52
N VAL B 167 -5.16 -8.74 2.79
CA VAL B 167 -6.30 -7.82 2.70
C VAL B 167 -6.96 -7.75 4.07
N VAL B 169 -9.24 -4.90 4.93
CA VAL B 169 -10.59 -4.39 4.70
C VAL B 169 -10.78 -4.09 3.23
N HIS B 170 -11.90 -4.54 2.66
CA HIS B 170 -12.25 -4.32 1.28
C HIS B 170 -13.62 -3.67 1.21
N ILE B 171 -13.68 -2.50 0.56
CA ILE B 171 -14.89 -1.71 0.44
C ILE B 171 -15.07 -1.35 -1.03
N VAL B 172 -16.33 -1.19 -1.45
CA VAL B 172 -16.60 -0.90 -2.85
C VAL B 172 -17.95 -0.20 -2.97
N SER B 173 -18.00 0.83 -3.83
CA SER B 173 -19.23 1.59 -4.03
C SER B 173 -20.24 0.78 -4.82
N ASN B 174 -21.44 0.64 -4.26
CA ASN B 174 -22.56 0.04 -4.98
C ASN B 174 -23.36 1.08 -5.76
N GLU B 175 -22.89 2.32 -5.82
CA GLU B 175 -23.39 3.31 -6.76
C GLU B 175 -22.41 3.40 -7.93
N ASN B 176 -22.79 4.19 -8.93
CA ASN B 176 -22.02 4.36 -10.16
C ASN B 176 -21.54 3.01 -10.69
N LEU B 177 -22.49 2.11 -10.91
CA LEU B 177 -22.16 0.79 -11.42
C LEU B 177 -21.80 0.87 -12.90
N GLN B 178 -21.03 -0.12 -13.36
CA GLN B 178 -20.63 -0.22 -14.75
C GLN B 178 -20.74 -1.68 -15.17
N VAL B 179 -20.50 -1.94 -16.46
CA VAL B 179 -20.33 -3.31 -16.95
C VAL B 179 -19.11 -3.33 -17.86
N LYS B 180 -18.35 -4.43 -17.80
CA LYS B 180 -17.15 -4.54 -18.61
C LYS B 180 -17.05 -5.90 -19.28
N GLY B 181 -16.20 -5.94 -20.29
CA GLY B 181 -15.84 -7.19 -20.93
C GLY B 181 -14.73 -6.96 -21.93
N GLU B 182 -14.69 -7.81 -22.96
CA GLU B 182 -13.69 -7.67 -24.02
C GLU B 182 -14.37 -7.71 -25.38
N LEU B 183 -13.60 -7.30 -26.39
CA LEU B 183 -14.03 -7.13 -27.77
C LEU B 183 -13.08 -7.83 -28.72
N SER B 184 -13.64 -8.43 -29.77
CA SER B 184 -12.83 -9.01 -30.84
C SER B 184 -12.07 -7.91 -31.58
N GLU B 185 -11.09 -8.33 -32.39
CA GLU B 185 -10.47 -7.42 -33.33
C GLU B 185 -11.52 -6.84 -34.29
N TYR B 186 -12.54 -7.65 -34.62
CA TYR B 186 -13.62 -7.17 -35.47
C TYR B 186 -14.39 -6.04 -34.81
N ASN B 187 -14.77 -6.23 -33.54
CA ASN B 187 -15.60 -5.24 -32.85
C ASN B 187 -14.92 -3.88 -32.78
N LEU B 188 -13.58 -3.85 -32.81
CA LEU B 188 -12.85 -2.59 -32.70
C LEU B 188 -13.18 -1.64 -33.85
N ALA B 189 -13.42 -2.17 -35.05
CA ALA B 189 -13.71 -1.34 -36.21
C ALA B 189 -15.17 -0.93 -36.30
N ASN B 190 -16.06 -1.58 -35.57
CA ASN B 190 -17.48 -1.26 -35.62
C ASN B 190 -17.92 -0.29 -34.53
N LEU B 191 -17.09 -0.08 -33.51
CA LEU B 191 -17.52 0.55 -32.27
C LEU B 191 -16.69 1.80 -31.99
N SER B 192 -17.37 2.86 -31.55
CA SER B 192 -16.72 4.09 -31.12
C SER B 192 -17.21 4.46 -29.73
N VAL B 193 -16.36 5.15 -28.97
CA VAL B 193 -16.75 5.59 -27.63
C VAL B 193 -17.85 6.63 -27.75
N GLY B 194 -18.92 6.45 -26.97
CA GLY B 194 -20.07 7.35 -26.98
C GLY B 194 -21.36 6.70 -27.40
N GLN B 195 -21.31 5.57 -28.12
CA GLN B 195 -22.52 4.96 -28.65
C GLN B 195 -23.40 4.42 -27.52
N GLU B 196 -24.71 4.61 -27.68
CA GLU B 196 -25.65 4.17 -26.66
C GLU B 196 -25.80 2.65 -26.71
N VAL B 197 -26.22 2.08 -25.57
CA VAL B 197 -26.26 0.65 -25.37
C VAL B 197 -27.49 0.28 -24.56
N SER B 198 -28.15 -0.81 -24.94
CA SER B 198 -29.19 -1.44 -24.15
C SER B 198 -28.71 -2.81 -23.70
N PHE B 199 -29.17 -3.25 -22.53
CA PHE B 199 -28.78 -4.58 -22.05
C PHE B 199 -29.80 -5.11 -21.06
N THR B 200 -29.81 -6.43 -20.91
CA THR B 200 -30.77 -7.16 -20.09
C THR B 200 -30.06 -8.27 -19.33
N SER B 201 -30.77 -8.87 -18.38
CA SER B 201 -30.20 -9.91 -17.53
C SER B 201 -31.17 -11.09 -17.43
N LYS B 202 -30.64 -12.29 -17.65
CA LYS B 202 -31.45 -13.51 -17.76
C LYS B 202 -32.15 -13.88 -16.46
N VAL B 203 -31.96 -13.09 -15.40
CA VAL B 203 -32.68 -13.28 -14.16
C VAL B 203 -33.87 -12.33 -14.02
N TYR B 204 -33.75 -11.11 -14.52
CA TYR B 204 -34.89 -10.20 -14.57
C TYR B 204 -35.25 -10.03 -16.04
N PRO B 205 -35.97 -10.98 -16.64
CA PRO B 205 -36.15 -10.94 -18.11
C PRO B 205 -37.14 -9.88 -18.57
N ASP B 206 -38.02 -9.41 -17.69
CA ASP B 206 -38.95 -8.34 -18.05
C ASP B 206 -38.32 -6.96 -17.91
N LYS B 207 -37.19 -6.85 -17.21
CA LYS B 207 -36.58 -5.56 -16.92
C LYS B 207 -35.38 -5.32 -17.83
N LYS B 208 -35.19 -4.06 -18.22
CA LYS B 208 -34.17 -3.68 -19.19
C LYS B 208 -33.43 -2.44 -18.69
N TRP B 209 -32.21 -2.26 -19.18
CA TRP B 209 -31.37 -1.13 -18.79
C TRP B 209 -30.77 -0.47 -20.02
N THR B 210 -30.18 0.70 -19.79
CA THR B 210 -29.48 1.46 -20.81
C THR B 210 -28.10 1.85 -20.28
N GLY B 211 -27.26 2.35 -21.18
CA GLY B 211 -25.89 2.71 -20.82
C GLY B 211 -25.18 3.28 -22.02
N LYS B 212 -23.93 3.69 -21.78
CA LYS B 212 -23.12 4.36 -22.80
C LYS B 212 -21.70 3.79 -22.81
N LEU B 213 -21.17 3.59 -24.02
CA LEU B 213 -19.79 3.15 -24.21
C LEU B 213 -18.84 4.26 -23.77
N SER B 214 -18.06 4.01 -22.72
CA SER B 214 -17.17 5.03 -22.19
C SER B 214 -15.70 4.73 -22.36
N TYR B 215 -15.30 3.45 -22.47
CA TYR B 215 -13.87 3.18 -22.65
C TYR B 215 -13.65 1.96 -23.53
N ILE B 216 -12.87 2.15 -24.59
CA ILE B 216 -12.47 1.10 -25.53
C ILE B 216 -10.95 1.11 -25.61
N SER B 217 -10.33 -0.01 -25.25
CA SER B 217 -8.88 -0.07 -25.13
C SER B 217 -8.22 -0.32 -26.48
N ASP B 218 -7.31 0.59 -26.86
CA ASP B 218 -6.40 0.37 -27.98
C ASP B 218 -5.46 -0.81 -27.76
N TYR B 219 -5.27 -1.22 -26.50
CA TYR B 219 -4.19 -2.12 -26.15
C TYR B 219 -4.75 -3.50 -25.82
N PRO B 220 -4.32 -4.56 -26.50
CA PRO B 220 -4.88 -5.88 -26.22
C PRO B 220 -4.41 -6.44 -24.88
N LYS B 221 -5.31 -7.17 -24.22
CA LYS B 221 -4.94 -7.90 -23.02
C LYS B 221 -3.81 -8.86 -23.36
N ASN B 222 -2.77 -8.88 -22.51
CA ASN B 222 -1.54 -9.64 -22.72
C ASN B 222 -0.72 -9.02 -23.86
N ASN B 233 -9.65 -23.54 -30.78
CA ASN B 233 -9.06 -23.65 -32.11
C ASN B 233 -9.13 -22.33 -32.87
N ASN B 234 -9.89 -21.37 -32.33
CA ASN B 234 -10.08 -20.10 -32.99
C ASN B 234 -9.23 -19.01 -32.35
N THR B 235 -8.96 -17.96 -33.13
CA THR B 235 -7.91 -16.99 -32.83
C THR B 235 -8.48 -15.57 -32.75
N GLY B 236 -7.58 -14.64 -32.44
CA GLY B 236 -7.92 -13.23 -32.28
C GLY B 236 -7.58 -12.71 -30.90
N SER B 237 -7.00 -11.52 -30.84
CA SER B 237 -6.74 -10.87 -29.56
C SER B 237 -7.96 -10.06 -29.12
N LYS B 238 -8.05 -9.83 -27.81
CA LYS B 238 -9.25 -9.29 -27.18
C LYS B 238 -8.93 -8.00 -26.45
N TYR B 239 -9.76 -6.97 -26.65
CA TYR B 239 -9.53 -5.64 -26.10
C TYR B 239 -10.59 -5.29 -25.08
N PRO B 240 -10.23 -4.87 -23.87
CA PRO B 240 -11.25 -4.60 -22.85
C PRO B 240 -12.05 -3.34 -23.14
N TYR B 241 -13.35 -3.40 -22.84
CA TYR B 241 -14.27 -2.27 -22.93
C TYR B 241 -15.03 -2.15 -21.62
N THR B 242 -15.43 -0.92 -21.30
CA THR B 242 -16.27 -0.68 -20.14
C THR B 242 -17.32 0.36 -20.51
N ILE B 243 -18.57 0.11 -20.11
CA ILE B 243 -19.64 1.08 -20.30
C ILE B 243 -20.24 1.43 -18.94
N ASP B 244 -20.67 2.69 -18.83
CA ASP B 244 -21.30 3.22 -17.63
C ASP B 244 -22.82 3.11 -17.78
N VAL B 245 -23.47 2.47 -16.81
CA VAL B 245 -24.92 2.33 -16.87
C VAL B 245 -25.57 3.68 -16.64
N THR B 246 -26.69 3.91 -17.31
CA THR B 246 -27.38 5.19 -17.25
C THR B 246 -28.84 4.93 -16.89
N GLY B 247 -29.50 5.99 -16.45
CA GLY B 247 -30.87 5.85 -16.02
C GLY B 247 -31.00 5.07 -14.72
N GLU B 248 -32.23 4.66 -14.45
CA GLU B 248 -32.55 4.01 -13.19
C GLU B 248 -31.91 2.63 -13.12
N VAL B 249 -31.07 2.42 -12.10
CA VAL B 249 -30.56 1.09 -11.78
C VAL B 249 -31.51 0.48 -10.75
N GLY B 250 -32.09 -0.67 -11.09
CA GLY B 250 -33.04 -1.30 -10.21
C GLY B 250 -32.38 -2.23 -9.21
N ASP B 251 -32.93 -3.43 -9.04
CA ASP B 251 -32.28 -4.45 -8.23
C ASP B 251 -31.20 -5.14 -9.05
N LEU B 252 -30.42 -4.34 -9.77
CA LEU B 252 -29.29 -4.79 -10.56
C LEU B 252 -28.05 -4.77 -9.67
N LYS B 253 -27.51 -5.95 -9.39
CA LYS B 253 -26.39 -6.10 -8.47
C LYS B 253 -25.16 -6.64 -9.19
N GLN B 254 -23.99 -6.26 -8.67
CA GLN B 254 -22.73 -6.55 -9.33
C GLN B 254 -22.54 -8.04 -9.57
N GLY B 255 -21.73 -8.37 -10.58
CA GLY B 255 -21.48 -9.75 -10.96
C GLY B 255 -22.51 -10.35 -11.89
N PHE B 256 -23.62 -9.68 -12.12
CA PHE B 256 -24.66 -10.22 -12.99
C PHE B 256 -24.16 -10.37 -14.43
N SER B 257 -24.41 -11.55 -15.01
CA SER B 257 -24.14 -11.72 -16.43
C SER B 257 -25.19 -10.95 -17.24
N VAL B 258 -24.76 -10.37 -18.35
CA VAL B 258 -25.53 -9.35 -19.04
C VAL B 258 -25.33 -9.51 -20.55
N ASN B 259 -26.40 -9.31 -21.31
CA ASN B 259 -26.38 -9.39 -22.77
C ASN B 259 -26.77 -8.03 -23.33
N GLU B 261 -26.85 -4.85 -26.59
CA GLU B 261 -26.97 -4.43 -27.98
C GLU B 261 -26.47 -2.99 -28.09
N VAL B 262 -25.46 -2.77 -28.92
CA VAL B 262 -24.91 -1.43 -29.15
C VAL B 262 -25.58 -0.85 -30.37
N LYS B 263 -26.27 0.27 -30.19
CA LYS B 263 -27.02 0.89 -31.27
C LYS B 263 -26.08 1.50 -32.30
N SER B 264 -26.34 1.19 -33.58
CA SER B 264 -25.63 1.84 -34.67
C SER B 264 -26.01 3.32 -34.73
N LYS B 265 -25.33 4.05 -35.61
CA LYS B 265 -25.55 5.48 -35.74
C LYS B 265 -25.95 5.80 -37.17
N THR B 266 -27.08 6.51 -37.30
CA THR B 266 -27.63 7.00 -38.57
C THR B 266 -26.57 7.43 -39.59
N LEU C 4 -34.61 -23.62 -2.54
CA LEU C 4 -33.77 -24.66 -1.99
C LEU C 4 -32.27 -24.36 -2.09
N LEU C 5 -31.65 -24.15 -0.93
CA LEU C 5 -30.24 -23.84 -0.90
C LEU C 5 -29.57 -24.54 0.24
N SER C 6 -28.26 -24.71 0.10
CA SER C 6 -27.50 -25.38 1.13
C SER C 6 -26.49 -24.43 1.70
N GLY C 7 -26.20 -24.62 2.96
CA GLY C 7 -25.23 -23.84 3.69
C GLY C 7 -24.58 -24.69 4.76
N THR C 8 -23.53 -24.13 5.36
CA THR C 8 -22.79 -24.79 6.43
C THR C 8 -22.85 -23.95 7.70
N VAL C 9 -22.98 -24.62 8.84
CA VAL C 9 -23.00 -23.93 10.12
C VAL C 9 -21.56 -23.66 10.54
N THR C 10 -21.24 -22.39 10.78
CA THR C 10 -19.89 -21.98 11.15
C THR C 10 -19.92 -21.21 12.48
N ALA C 11 -18.80 -21.27 13.19
CA ALA C 11 -18.63 -20.40 14.35
C ALA C 11 -18.50 -18.95 13.88
N LYS C 12 -18.67 -18.03 14.84
CA LYS C 12 -18.66 -16.61 14.51
C LYS C 12 -17.35 -15.92 14.90
N ASN C 13 -16.72 -16.33 15.99
CA ASN C 13 -15.54 -15.63 16.52
C ASN C 13 -14.39 -16.62 16.67
N GLU C 14 -13.23 -16.27 16.12
CA GLU C 14 -12.04 -17.10 16.18
C GLU C 14 -10.87 -16.25 16.66
N GLN C 15 -9.71 -16.91 16.79
CA GLN C 15 -8.44 -16.20 16.96
C GLN C 15 -7.34 -17.09 16.42
N TYR C 16 -6.63 -16.58 15.40
CA TYR C 16 -5.43 -17.21 14.89
C TYR C 16 -4.22 -16.47 15.45
N VAL C 17 -3.35 -17.19 16.15
CA VAL C 17 -2.05 -16.66 16.53
C VAL C 17 -1.03 -17.22 15.54
N TYR C 18 -0.27 -16.33 14.93
CA TYR C 18 0.79 -16.70 14.01
C TYR C 18 2.13 -16.43 14.68
N PHE C 19 3.10 -17.30 14.43
CA PHE C 19 4.44 -17.05 14.96
C PHE C 19 4.98 -15.74 14.39
N ASP C 20 5.38 -14.85 15.29
CA ASP C 20 5.94 -13.56 14.91
C ASP C 20 7.42 -13.56 15.26
N ALA C 21 8.27 -13.38 14.24
CA ALA C 21 9.71 -13.41 14.47
C ALA C 21 10.19 -12.18 15.22
N SER C 22 9.60 -11.02 14.92
CA SER C 22 10.04 -9.76 15.54
C SER C 22 9.98 -9.80 17.06
N LYS C 23 9.15 -10.68 17.64
CA LYS C 23 9.07 -10.83 19.09
C LYS C 23 10.07 -11.84 19.62
N GLY C 24 11.20 -12.02 18.95
CA GLY C 24 12.24 -12.92 19.45
C GLY C 24 12.00 -14.36 19.00
N ASP C 25 11.90 -15.27 19.95
CA ASP C 25 11.68 -16.67 19.65
C ASP C 25 10.77 -17.30 20.69
N LEU C 26 10.11 -18.38 20.29
CA LEU C 26 9.09 -19.03 21.10
C LEU C 26 9.69 -19.64 22.35
N ASP C 27 9.02 -19.43 23.49
CA ASP C 27 9.42 -20.16 24.69
C ASP C 27 8.51 -21.35 24.94
N GLU C 28 7.20 -21.13 24.96
CA GLU C 28 6.27 -22.18 25.34
C GLU C 28 4.87 -21.83 24.87
N ILE C 29 4.19 -22.81 24.28
CA ILE C 29 2.75 -22.72 24.06
C ILE C 29 2.05 -23.34 25.26
N LEU C 30 1.07 -22.63 25.80
CA LEU C 30 0.51 -22.97 27.10
C LEU C 30 -0.82 -23.70 27.05
N VAL C 31 -1.26 -24.13 25.88
CA VAL C 31 -2.51 -24.87 25.75
C VAL C 31 -2.32 -25.98 24.74
N SER C 32 -2.92 -27.14 25.02
CA SER C 32 -3.02 -28.21 24.03
C SER C 32 -4.32 -28.04 23.24
N VAL C 33 -4.82 -29.12 22.66
CA VAL C 33 -6.09 -29.07 21.95
C VAL C 33 -7.20 -29.52 22.89
N GLY C 34 -8.43 -29.13 22.55
CA GLY C 34 -9.59 -29.49 23.34
C GLY C 34 -9.81 -28.68 24.60
N ASP C 35 -8.82 -27.91 25.03
CA ASP C 35 -8.99 -27.10 26.24
C ASP C 35 -9.98 -25.97 25.99
N LYS C 36 -10.66 -25.58 27.06
CA LYS C 36 -11.51 -24.40 27.03
C LYS C 36 -10.72 -23.23 27.58
N VAL C 37 -10.65 -22.15 26.82
CA VAL C 37 -9.98 -20.93 27.27
C VAL C 37 -11.02 -19.83 27.39
N SER C 38 -10.66 -18.79 28.15
CA SER C 38 -11.56 -17.70 28.46
C SER C 38 -10.90 -16.37 28.11
N GLU C 39 -11.69 -15.31 28.21
CA GLU C 39 -11.23 -13.95 27.91
C GLU C 39 -9.95 -13.64 28.67
N GLY C 40 -8.97 -13.07 27.95
CA GLY C 40 -7.70 -12.71 28.55
C GLY C 40 -7.01 -13.85 29.28
N GLN C 41 -6.50 -14.82 28.51
CA GLN C 41 -5.86 -15.99 29.08
C GLN C 41 -4.55 -16.26 28.35
N ALA C 42 -3.52 -16.63 29.10
CA ALA C 42 -2.21 -16.91 28.52
C ALA C 42 -2.34 -17.99 27.44
N LEU C 43 -1.66 -17.76 26.31
CA LEU C 43 -1.78 -18.66 25.17
C LEU C 43 -0.43 -19.11 24.67
N VAL C 44 0.43 -18.18 24.25
CA VAL C 44 1.81 -18.48 23.91
C VAL C 44 2.70 -17.45 24.59
N LYS C 45 3.88 -17.89 25.03
CA LYS C 45 4.82 -17.05 25.76
C LYS C 45 6.17 -17.08 25.05
N TYR C 46 6.56 -15.96 24.46
CA TYR C 46 7.89 -15.82 23.91
C TYR C 46 8.91 -15.65 25.04
N SER C 47 10.18 -15.83 24.70
CA SER C 47 11.24 -15.65 25.68
C SER C 47 11.27 -14.21 26.17
N SER C 48 11.07 -14.02 27.48
CA SER C 48 11.13 -12.70 28.10
C SER C 48 12.54 -12.54 28.69
N SER C 49 13.48 -12.15 27.83
CA SER C 49 14.88 -12.05 28.27
C SER C 49 15.51 -10.75 27.81
N GLU C 50 15.70 -10.59 26.49
CA GLU C 50 16.22 -9.34 25.97
C GLU C 50 15.19 -8.21 26.11
N ALA C 51 13.94 -8.57 26.37
CA ALA C 51 12.88 -7.63 26.74
C ALA C 51 13.00 -7.20 28.19
N GLN C 52 13.18 -8.16 29.10
CA GLN C 52 13.38 -7.82 30.50
C GLN C 52 14.64 -6.97 30.68
N ALA C 53 15.69 -7.28 29.93
CA ALA C 53 16.90 -6.48 30.00
C ALA C 53 16.64 -5.03 29.57
N ALA C 54 15.85 -4.85 28.51
CA ALA C 54 15.52 -3.50 28.07
C ALA C 54 14.66 -2.77 29.09
N TYR C 55 13.76 -3.50 29.78
CA TYR C 55 13.00 -2.87 30.85
C TYR C 55 13.92 -2.41 31.97
N ASP C 56 14.83 -3.28 32.42
CA ASP C 56 15.73 -2.92 33.51
C ASP C 56 16.62 -1.75 33.12
N SER C 57 17.09 -1.73 31.87
CA SER C 57 17.92 -0.62 31.40
C SER C 57 17.14 0.68 31.38
N ALA C 58 15.88 0.64 30.92
CA ALA C 58 15.05 1.84 30.93
C ALA C 58 14.81 2.33 32.35
N SER C 59 14.60 1.41 33.28
CA SER C 59 14.42 1.78 34.69
C SER C 59 15.67 2.46 35.23
N ARG C 60 16.84 1.87 34.98
CA ARG C 60 18.09 2.52 35.36
C ARG C 60 18.23 3.88 34.70
N ALA C 61 17.61 4.06 33.53
CA ALA C 61 17.66 5.36 32.86
C ALA C 61 16.81 6.39 33.60
N VAL C 62 15.62 6.00 34.06
CA VAL C 62 14.81 6.97 34.82
C VAL C 62 15.47 7.29 36.15
N ALA C 63 16.04 6.28 36.83
CA ALA C 63 16.73 6.55 38.08
C ALA C 63 17.96 7.42 37.85
N ARG C 64 18.61 7.27 36.69
CA ARG C 64 19.74 8.12 36.36
C ARG C 64 19.31 9.57 36.14
N ALA C 65 18.16 9.76 35.46
CA ALA C 65 17.64 11.11 35.31
C ALA C 65 17.31 11.74 36.66
N ASP C 66 16.76 10.94 37.59
CA ASP C 66 16.46 11.45 38.92
C ASP C 66 17.74 11.82 39.67
N ARG C 67 18.75 10.97 39.60
CA ARG C 67 20.04 11.29 40.21
C ARG C 67 20.58 12.60 39.65
N HIS C 68 20.54 12.75 38.32
CA HIS C 68 21.09 13.96 37.71
C HIS C 68 20.32 15.21 38.13
N ILE C 69 19.00 15.13 38.27
CA ILE C 69 18.26 16.32 38.69
C ILE C 69 18.58 16.65 40.15
N ASN C 70 18.78 15.64 40.99
CA ASN C 70 19.19 15.93 42.38
C ASN C 70 20.57 16.57 42.42
N GLU C 71 21.53 16.00 41.69
CA GLU C 71 22.86 16.58 41.57
C GLU C 71 22.81 18.00 41.04
N LEU C 72 21.73 18.34 40.33
CA LEU C 72 21.60 19.65 39.71
C LEU C 72 20.99 20.70 40.62
N ASN C 73 19.87 20.37 41.27
CA ASN C 73 19.23 21.35 42.11
C ASN C 73 19.92 21.49 43.46
N GLN C 74 20.64 20.45 43.91
CA GLN C 74 21.52 20.66 45.06
C GLN C 74 22.65 21.60 44.69
N ALA C 75 23.23 21.42 43.50
CA ALA C 75 24.23 22.35 43.00
C ALA C 75 23.66 23.74 42.77
N ARG C 76 22.35 23.87 42.64
CA ARG C 76 21.75 25.20 42.69
C ARG C 76 21.65 25.71 44.11
N ASN C 77 21.24 24.86 45.05
CA ASN C 77 21.14 25.27 46.45
C ASN C 77 22.48 25.72 47.01
N GLU C 78 23.59 25.23 46.43
CA GLU C 78 24.91 25.68 46.87
C GLU C 78 25.28 27.02 46.24
N ALA C 79 25.15 27.13 44.92
CA ALA C 79 25.58 28.32 44.19
C ALA C 79 24.56 29.45 44.22
N ALA C 80 23.45 29.30 44.94
CA ALA C 80 22.46 30.37 45.07
C ALA C 80 22.52 31.09 46.41
N SER C 81 23.28 30.55 47.37
CA SER C 81 23.56 31.24 48.62
C SER C 81 25.07 31.36 48.88
N ALA C 82 25.86 31.30 47.82
CA ALA C 82 27.32 31.41 47.93
C ALA C 82 27.81 32.76 47.42
N ASN C 107 27.77 27.25 36.67
CA ASN C 107 28.18 28.65 36.85
C ASN C 107 26.96 29.57 36.79
N SER C 108 26.59 30.08 37.97
CA SER C 108 25.41 30.92 38.22
C SER C 108 24.14 30.09 38.33
N VAL C 109 23.03 30.75 38.66
CA VAL C 109 21.75 30.05 38.72
C VAL C 109 21.13 29.94 37.33
N ALA C 110 21.47 30.86 36.42
CA ALA C 110 20.97 30.84 35.06
C ALA C 110 21.27 29.53 34.36
N SER C 111 22.55 29.27 34.08
CA SER C 111 22.95 28.07 33.36
C SER C 111 23.04 26.86 34.29
N ILE C 112 22.20 26.83 35.33
CA ILE C 112 22.04 25.67 36.17
C ILE C 112 20.53 25.38 36.25
N ASP C 113 19.74 26.44 36.34
CA ASP C 113 18.30 26.31 36.17
C ASP C 113 17.96 25.82 34.76
N ALA C 114 18.64 26.37 33.75
CA ALA C 114 18.40 25.95 32.36
C ALA C 114 18.65 24.46 32.19
N GLN C 115 19.83 23.99 32.61
CA GLN C 115 20.17 22.57 32.51
C GLN C 115 19.31 21.73 33.46
N LEU C 116 18.70 22.35 34.46
CA LEU C 116 17.63 21.65 35.19
C LEU C 116 16.41 21.47 34.30
N GLY C 117 16.14 22.43 33.41
CA GLY C 117 15.06 22.23 32.44
C GLY C 117 15.36 21.08 31.50
N ASP C 118 16.55 21.10 30.89
CA ASP C 118 16.91 20.00 29.99
C ASP C 118 16.97 18.67 30.73
N ALA C 119 17.29 18.69 32.02
CA ALA C 119 17.25 17.46 32.81
C ALA C 119 15.82 16.97 32.99
N ARG C 120 14.87 17.88 33.23
CA ARG C 120 13.46 17.50 33.27
C ARG C 120 13.05 16.85 31.96
N ASP C 121 13.43 17.45 30.82
CA ASP C 121 13.21 16.83 29.52
C ASP C 121 13.74 15.39 29.50
N ALA C 122 14.99 15.22 29.91
CA ALA C 122 15.61 13.89 29.88
C ALA C 122 14.82 12.89 30.71
N ARG C 123 14.32 13.31 31.89
CA ARG C 123 13.52 12.39 32.69
C ARG C 123 12.23 12.03 31.98
N ALA C 124 11.61 12.99 31.30
CA ALA C 124 10.42 12.69 30.51
C ALA C 124 10.71 11.61 29.48
N ASP C 125 11.78 11.79 28.69
CA ASP C 125 12.16 10.77 27.72
C ASP C 125 12.37 9.42 28.38
N ALA C 126 13.07 9.41 29.52
CA ALA C 126 13.33 8.15 30.21
C ALA C 126 12.05 7.43 30.60
N ALA C 127 11.07 8.17 31.14
CA ALA C 127 9.79 7.54 31.49
C ALA C 127 9.05 7.03 30.26
N ALA C 128 9.13 7.77 29.15
CA ALA C 128 8.49 7.33 27.92
C ALA C 128 9.07 6.00 27.45
N GLN C 129 10.37 5.95 27.19
CA GLN C 129 10.98 4.72 26.71
C GLN C 129 10.88 3.60 27.75
N LEU C 130 10.73 3.95 29.03
CA LEU C 130 10.43 2.93 30.04
C LEU C 130 9.06 2.30 29.79
N SER C 131 8.04 3.13 29.59
CA SER C 131 6.70 2.60 29.29
C SER C 131 6.72 1.75 28.03
N LYS C 132 7.42 2.21 26.99
CA LYS C 132 7.59 1.41 25.78
C LYS C 132 8.24 0.07 26.11
N ALA C 133 9.22 0.06 27.02
CA ALA C 133 9.83 -1.19 27.44
C ALA C 133 8.83 -2.09 28.16
N GLN C 134 7.89 -1.51 28.90
CA GLN C 134 6.87 -2.31 29.57
C GLN C 134 5.95 -2.97 28.54
N SER C 135 5.47 -2.19 27.57
CA SER C 135 4.60 -2.75 26.53
C SER C 135 5.32 -3.84 25.75
N GLN C 136 6.53 -3.56 25.27
CA GLN C 136 7.32 -4.57 24.59
C GLN C 136 7.55 -5.79 25.47
N LEU C 137 7.62 -5.60 26.79
CA LEU C 137 7.81 -6.70 27.71
C LEU C 137 6.60 -7.63 27.74
N ASP C 138 5.45 -7.12 28.22
CA ASP C 138 4.31 -8.03 28.35
C ASP C 138 3.74 -8.48 27.00
N ALA C 139 4.26 -7.94 25.89
CA ALA C 139 3.93 -8.47 24.57
C ALA C 139 4.62 -9.80 24.29
N THR C 141 4.08 -12.31 25.72
CA THR C 141 3.04 -13.29 26.07
C THR C 141 1.73 -12.82 25.47
N VAL C 142 1.16 -13.61 24.56
CA VAL C 142 -0.09 -13.23 23.90
C VAL C 142 -1.26 -13.89 24.61
N LEU C 143 -2.34 -13.14 24.75
CA LEU C 143 -3.52 -13.57 25.48
C LEU C 143 -4.68 -13.82 24.52
N SER C 144 -5.65 -14.60 24.98
CA SER C 144 -6.81 -14.90 24.17
C SER C 144 -7.74 -13.70 24.08
N THR C 145 -8.45 -13.60 22.96
CA THR C 145 -9.45 -12.56 22.78
C THR C 145 -10.88 -13.10 22.83
N LEU C 146 -11.05 -14.36 23.23
CA LEU C 146 -12.36 -14.98 23.26
C LEU C 146 -12.45 -15.98 24.39
N GLU C 147 -13.66 -16.47 24.62
CA GLU C 147 -13.91 -17.68 25.39
C GLU C 147 -14.33 -18.77 24.40
N GLY C 148 -13.58 -19.86 24.38
CA GLY C 148 -13.88 -20.91 23.42
C GLY C 148 -12.92 -22.08 23.58
N THR C 149 -13.00 -22.99 22.61
CA THR C 149 -12.17 -24.18 22.58
C THR C 149 -10.98 -23.99 21.65
N VAL C 150 -9.85 -24.56 22.02
CA VAL C 150 -8.65 -24.51 21.20
C VAL C 150 -8.71 -25.64 20.19
N VAL C 151 -8.43 -25.33 18.94
CA VAL C 151 -8.74 -26.21 17.81
C VAL C 151 -7.47 -26.82 17.25
N GLU C 152 -6.44 -25.98 17.14
CA GLU C 152 -5.19 -26.38 16.51
C GLU C 152 -4.04 -25.75 17.28
N VAL C 153 -3.07 -26.56 17.70
CA VAL C 153 -1.80 -26.05 18.21
C VAL C 153 -0.68 -26.68 17.38
N ASN C 154 0.29 -25.85 16.99
CA ASN C 154 1.41 -26.28 16.15
C ASN C 154 2.66 -25.63 16.73
N SER C 155 3.41 -26.40 17.52
CA SER C 155 4.58 -25.87 18.18
C SER C 155 5.84 -25.96 17.34
N ASN C 156 5.80 -26.67 16.21
CA ASN C 156 6.96 -26.82 15.33
C ASN C 156 6.84 -25.77 14.23
N VAL C 157 7.66 -24.72 14.33
CA VAL C 157 7.59 -23.56 13.45
C VAL C 157 9.00 -23.05 13.24
N SER C 158 9.30 -22.62 12.01
CA SER C 158 10.64 -22.17 11.66
C SER C 158 10.78 -20.67 11.89
N LYS C 159 11.83 -20.29 12.63
CA LYS C 159 12.09 -18.88 12.86
C LYS C 159 12.45 -18.17 11.56
N SER C 160 13.07 -18.87 10.62
CA SER C 160 13.28 -18.33 9.29
C SER C 160 11.95 -18.14 8.59
N PRO C 161 11.86 -17.18 7.65
CA PRO C 161 10.64 -17.03 6.86
C PRO C 161 10.34 -18.28 6.06
N THR C 162 9.10 -18.75 6.16
CA THR C 162 8.67 -19.91 5.37
C THR C 162 8.21 -19.52 3.98
N GLY C 163 7.71 -18.30 3.82
CA GLY C 163 6.91 -17.95 2.67
C GLY C 163 5.43 -18.27 2.84
N ALA C 164 4.97 -18.41 4.08
CA ALA C 164 3.58 -18.74 4.36
C ALA C 164 3.31 -18.51 5.84
N SER C 165 2.06 -18.20 6.15
CA SER C 165 1.64 -18.06 7.53
C SER C 165 1.83 -19.36 8.29
N GLN C 166 2.16 -19.24 9.57
CA GLN C 166 2.43 -20.37 10.45
C GLN C 166 1.57 -20.22 11.70
N VAL C 167 0.42 -20.89 11.74
CA VAL C 167 -0.46 -20.83 12.89
C VAL C 167 0.11 -21.68 14.01
N VAL C 169 -1.61 -21.51 17.31
CA VAL C 169 -2.78 -21.75 18.12
C VAL C 169 -3.99 -21.20 17.37
N HIS C 170 -5.13 -21.88 17.54
CA HIS C 170 -6.39 -21.45 16.96
C HIS C 170 -7.49 -21.63 18.00
N ILE C 171 -8.26 -20.57 18.25
CA ILE C 171 -9.38 -20.62 19.18
C ILE C 171 -10.66 -20.41 18.40
N VAL C 172 -11.65 -21.27 18.64
CA VAL C 172 -13.02 -21.03 18.19
C VAL C 172 -13.95 -21.03 19.38
N SER C 173 -14.96 -20.17 19.33
CA SER C 173 -16.08 -20.25 20.25
C SER C 173 -17.20 -21.04 19.60
N ASN C 174 -17.66 -22.08 20.30
CA ASN C 174 -18.82 -22.86 19.88
C ASN C 174 -20.10 -22.28 20.44
N GLU C 175 -20.18 -20.95 20.46
CA GLU C 175 -21.34 -20.21 20.92
C GLU C 175 -21.55 -19.02 19.98
N ASN C 176 -22.80 -18.60 19.86
CA ASN C 176 -23.20 -17.65 18.82
C ASN C 176 -22.85 -18.20 17.43
N LEU C 177 -23.39 -19.38 17.15
CA LEU C 177 -23.16 -20.05 15.87
C LEU C 177 -23.75 -19.23 14.73
N GLN C 178 -23.61 -19.71 13.50
CA GLN C 178 -24.21 -19.07 12.34
C GLN C 178 -24.34 -20.12 11.25
N VAL C 179 -25.01 -19.76 10.16
CA VAL C 179 -24.99 -20.56 8.94
C VAL C 179 -24.60 -19.63 7.79
N LYS C 180 -23.53 -19.98 7.10
CA LYS C 180 -23.06 -19.22 5.95
C LYS C 180 -23.14 -20.08 4.70
N GLY C 181 -23.38 -19.43 3.58
CA GLY C 181 -23.47 -20.13 2.32
C GLY C 181 -23.36 -19.17 1.16
N GLU C 182 -23.85 -19.61 0.00
CA GLU C 182 -23.84 -18.77 -1.19
C GLU C 182 -25.15 -18.93 -1.95
N LEU C 183 -25.55 -17.85 -2.62
CA LEU C 183 -26.70 -17.82 -3.50
C LEU C 183 -26.24 -17.56 -4.94
N SER C 184 -27.05 -17.99 -5.90
CA SER C 184 -26.70 -17.79 -7.30
C SER C 184 -27.27 -16.48 -7.82
N GLU C 185 -26.96 -16.18 -9.08
CA GLU C 185 -27.45 -14.94 -9.69
C GLU C 185 -28.97 -14.89 -9.72
N TYR C 186 -29.62 -16.04 -9.89
CA TYR C 186 -31.07 -16.11 -9.99
C TYR C 186 -31.75 -16.11 -8.61
N ASN C 187 -31.43 -17.08 -7.76
CA ASN C 187 -32.11 -17.16 -6.47
C ASN C 187 -31.82 -15.95 -5.60
N LEU C 188 -30.78 -15.17 -5.92
CA LEU C 188 -30.64 -13.84 -5.34
C LEU C 188 -31.90 -13.01 -5.54
N ALA C 189 -32.72 -13.33 -6.54
CA ALA C 189 -34.01 -12.68 -6.72
C ALA C 189 -35.04 -13.20 -5.74
N ASN C 190 -34.60 -13.58 -4.54
CA ASN C 190 -35.52 -13.81 -3.43
C ASN C 190 -35.42 -12.76 -2.34
N LEU C 191 -34.34 -11.97 -2.34
CA LEU C 191 -34.10 -10.91 -1.36
C LEU C 191 -34.16 -11.42 0.06
N SER C 192 -34.27 -10.46 1.01
CA SER C 192 -34.50 -10.60 2.45
C SER C 192 -33.50 -9.75 3.21
N VAL C 193 -34.00 -8.81 4.01
CA VAL C 193 -33.14 -8.19 5.01
C VAL C 193 -33.07 -9.04 6.26
N GLY C 194 -34.04 -9.92 6.48
CA GLY C 194 -33.99 -10.83 7.61
C GLY C 194 -35.16 -11.79 7.75
N GLN C 195 -35.47 -12.53 6.69
CA GLN C 195 -36.50 -13.57 6.79
C GLN C 195 -36.11 -14.59 7.85
N GLU C 196 -36.94 -14.71 8.89
CA GLU C 196 -36.73 -15.74 9.91
C GLU C 196 -37.01 -17.10 9.29
N VAL C 197 -35.96 -17.73 8.76
CA VAL C 197 -36.08 -19.03 8.11
C VAL C 197 -35.76 -20.12 9.11
N SER C 198 -35.74 -21.38 8.67
CA SER C 198 -35.35 -22.50 9.52
C SER C 198 -34.90 -23.64 8.62
N PHE C 199 -34.02 -24.49 9.15
CA PHE C 199 -33.30 -25.45 8.33
C PHE C 199 -33.22 -26.81 9.02
N THR C 200 -32.78 -27.79 8.23
CA THR C 200 -32.58 -29.17 8.66
C THR C 200 -31.25 -29.66 8.11
N SER C 201 -30.90 -30.89 8.46
CA SER C 201 -29.82 -31.60 7.77
C SER C 201 -29.89 -33.08 8.14
N LYS C 202 -29.64 -33.93 7.14
CA LYS C 202 -29.85 -35.37 7.20
C LYS C 202 -29.11 -36.07 8.33
N VAL C 203 -28.30 -35.34 9.09
CA VAL C 203 -27.74 -35.91 10.30
C VAL C 203 -28.85 -36.22 11.29
N TYR C 204 -29.66 -35.20 11.65
CA TYR C 204 -30.88 -35.36 12.44
C TYR C 204 -32.04 -34.85 11.61
N PRO C 205 -32.73 -35.73 10.87
CA PRO C 205 -33.73 -35.25 9.91
C PRO C 205 -35.06 -34.85 10.52
N ASP C 206 -35.34 -35.23 11.77
CA ASP C 206 -36.61 -34.94 12.41
C ASP C 206 -36.57 -33.69 13.27
N LYS C 207 -35.62 -32.79 13.03
CA LYS C 207 -35.46 -31.59 13.83
C LYS C 207 -35.35 -30.38 12.93
N LYS C 208 -35.83 -29.25 13.43
CA LYS C 208 -35.75 -27.95 12.76
C LYS C 208 -34.96 -26.98 13.62
N TRP C 209 -34.15 -26.15 12.99
CA TRP C 209 -33.47 -25.06 13.69
C TRP C 209 -33.82 -23.73 13.04
N THR C 210 -34.24 -22.77 13.85
CA THR C 210 -34.65 -21.46 13.36
C THR C 210 -33.46 -20.50 13.33
N GLY C 211 -33.50 -19.58 12.38
CA GLY C 211 -32.49 -18.53 12.29
C GLY C 211 -33.00 -17.26 11.62
N LYS C 212 -32.38 -16.14 11.94
CA LYS C 212 -32.73 -14.85 11.34
C LYS C 212 -31.63 -14.42 10.39
N LEU C 213 -31.98 -14.21 9.12
CA LEU C 213 -31.01 -13.76 8.14
C LEU C 213 -30.35 -12.47 8.60
N SER C 214 -29.07 -12.33 8.25
CA SER C 214 -28.29 -11.18 8.70
C SER C 214 -27.45 -10.52 7.62
N TYR C 215 -27.17 -11.18 6.50
CA TYR C 215 -26.31 -10.59 5.49
C TYR C 215 -26.53 -11.29 4.16
N ILE C 216 -26.77 -10.50 3.11
CA ILE C 216 -26.70 -10.95 1.73
C ILE C 216 -25.78 -10.00 0.99
N SER C 217 -24.65 -10.51 0.51
CA SER C 217 -23.69 -9.66 -0.18
C SER C 217 -24.25 -9.14 -1.50
N ASP C 218 -23.93 -7.89 -1.82
CA ASP C 218 -24.16 -7.33 -3.14
C ASP C 218 -22.90 -7.39 -4.00
N TYR C 219 -21.87 -8.11 -3.56
CA TYR C 219 -20.63 -8.22 -4.30
C TYR C 219 -20.27 -9.68 -4.41
N PRO C 220 -20.14 -10.25 -5.61
CA PRO C 220 -19.79 -11.66 -5.72
C PRO C 220 -18.31 -11.86 -5.46
N LYS C 221 -17.95 -13.10 -5.18
CA LYS C 221 -16.59 -13.50 -4.91
C LYS C 221 -15.72 -13.54 -6.15
N ASN C 222 -14.42 -13.73 -5.98
CA ASN C 222 -13.48 -13.78 -7.13
C ASN C 222 -13.37 -12.44 -7.86
N THR C 235 -20.02 -20.66 -13.70
CA THR C 235 -21.23 -20.54 -14.53
C THR C 235 -22.01 -19.28 -14.18
N GLY C 236 -21.71 -18.72 -13.02
CA GLY C 236 -22.37 -17.50 -12.57
C GLY C 236 -21.61 -16.87 -11.41
N SER C 237 -22.08 -15.69 -11.01
CA SER C 237 -21.48 -14.96 -9.90
C SER C 237 -22.20 -15.34 -8.61
N LYS C 238 -21.48 -15.86 -7.63
CA LYS C 238 -22.07 -16.36 -6.40
C LYS C 238 -21.92 -15.34 -5.27
N TYR C 239 -22.98 -15.19 -4.47
CA TYR C 239 -23.07 -14.15 -3.45
C TYR C 239 -23.23 -14.77 -2.07
N PRO C 240 -22.28 -14.61 -1.15
CA PRO C 240 -22.39 -15.26 0.16
C PRO C 240 -23.48 -14.64 1.03
N TYR C 241 -24.09 -15.50 1.86
CA TYR C 241 -25.11 -15.09 2.80
C TYR C 241 -24.78 -15.63 4.18
N THR C 242 -25.25 -14.91 5.20
CA THR C 242 -25.07 -15.30 6.58
C THR C 242 -26.41 -15.25 7.29
N ILE C 243 -26.56 -16.10 8.32
CA ILE C 243 -27.77 -16.12 9.12
C ILE C 243 -27.38 -16.43 10.57
N ASP C 244 -27.77 -15.53 11.48
CA ASP C 244 -27.53 -15.70 12.90
C ASP C 244 -28.52 -16.72 13.44
N VAL C 245 -28.03 -17.90 13.80
CA VAL C 245 -28.92 -18.94 14.34
C VAL C 245 -29.52 -18.46 15.65
N THR C 246 -30.77 -18.87 15.89
CA THR C 246 -31.55 -18.37 17.02
C THR C 246 -32.07 -19.53 17.86
N GLY C 247 -31.47 -19.74 19.02
CA GLY C 247 -32.03 -20.58 20.07
C GLY C 247 -32.15 -22.07 19.80
N GLU C 248 -32.02 -22.86 20.87
CA GLU C 248 -32.16 -24.32 20.82
C GLU C 248 -31.21 -24.94 19.81
N VAL C 249 -29.91 -24.76 20.09
CA VAL C 249 -28.84 -25.24 19.23
C VAL C 249 -28.23 -26.50 19.83
N GLY C 250 -29.08 -27.35 20.39
CA GLY C 250 -28.68 -28.52 21.15
C GLY C 250 -27.49 -29.31 20.63
N ASP C 251 -27.73 -30.24 19.72
CA ASP C 251 -26.69 -31.09 19.17
C ASP C 251 -26.12 -30.56 17.86
N LEU C 252 -26.45 -29.33 17.50
CA LEU C 252 -25.98 -28.70 16.26
C LEU C 252 -24.56 -28.16 16.45
N LYS C 253 -23.61 -28.64 15.63
CA LYS C 253 -22.21 -28.22 15.70
C LYS C 253 -21.71 -27.92 14.29
N GLN C 254 -20.47 -27.43 14.21
CA GLN C 254 -20.01 -26.46 13.20
C GLN C 254 -19.52 -27.09 11.88
N GLY C 255 -19.86 -28.35 11.60
CA GLY C 255 -19.46 -28.86 10.31
C GLY C 255 -20.65 -29.19 9.43
N PHE C 256 -21.83 -29.16 10.02
CA PHE C 256 -23.02 -29.72 9.41
C PHE C 256 -23.40 -28.97 8.14
N SER C 257 -23.37 -29.69 7.01
CA SER C 257 -24.08 -29.22 5.84
C SER C 257 -25.55 -29.11 6.18
N VAL C 258 -26.23 -28.16 5.55
CA VAL C 258 -27.56 -27.75 6.00
C VAL C 258 -28.39 -27.30 4.80
N ASN C 259 -29.65 -27.65 4.82
CA ASN C 259 -30.53 -27.30 3.75
C ASN C 259 -31.81 -26.76 4.28
N GLU C 261 -35.09 -24.72 2.06
CA GLU C 261 -35.61 -23.98 0.91
C GLU C 261 -36.78 -23.08 1.14
N VAL C 262 -37.03 -22.17 0.20
CA VAL C 262 -38.14 -21.22 0.30
C VAL C 262 -38.40 -20.48 -1.01
#